data_8CJ1
#
_entry.id   8CJ1
#
_cell.length_a   91.564
_cell.length_b   93.225
_cell.length_c   227.684
_cell.angle_alpha   90
_cell.angle_beta   90
_cell.angle_gamma   90
#
_symmetry.space_group_name_H-M   'P 21 21 21'
#
loop_
_entity.id
_entity.type
_entity.pdbx_description
1 polymer 'Histone chaperone ASF1A'
2 polymer 'c3u_3 chimera inhibitor of histone chaperone ASF1'
3 water water
#
loop_
_entity_poly.entity_id
_entity_poly.type
_entity_poly.pdbx_seq_one_letter_code
_entity_poly.pdbx_strand_id
1 'polypeptide(L)'
;GAMAKVQVNNVVVLDNPSPFYNPFQFEITFECIEDLSEDLEWKIIYVGSAESEEYDQVLDSVLVGPVPAGRHMFVFQADA
PNPGLIPDADAVGVTVVLITCTYRGQEFIRVGYYVNNEYTETELRENPPVKPDFSKLQRNILASNPRVTRFHINWEDN
;
A,B,C,D,E,F,G,H
2 'polypeptide(L)' (URL)ARRI(66N) I,J,K,L
#
# COMPACT_ATOMS: atom_id res chain seq x y z
N MET A 3 -22.30 -5.58 -8.33
CA MET A 3 -20.86 -5.68 -8.45
C MET A 3 -20.25 -6.75 -7.46
N ALA A 4 -18.95 -7.10 -7.66
CA ALA A 4 -18.22 -8.09 -6.90
C ALA A 4 -17.53 -7.53 -5.70
N LYS A 5 -17.70 -8.17 -4.57
CA LYS A 5 -17.13 -7.75 -3.30
C LYS A 5 -15.67 -8.19 -3.06
N VAL A 6 -15.22 -9.22 -3.78
CA VAL A 6 -13.88 -9.74 -3.60
C VAL A 6 -13.12 -9.75 -4.93
N GLN A 7 -11.85 -9.40 -4.88
CA GLN A 7 -10.99 -9.41 -6.05
C GLN A 7 -9.67 -10.07 -5.65
N VAL A 8 -9.22 -11.09 -6.38
CA VAL A 8 -7.93 -11.72 -6.05
C VAL A 8 -6.85 -10.97 -6.80
N ASN A 9 -5.95 -10.31 -6.06
CA ASN A 9 -4.89 -9.49 -6.65
C ASN A 9 -3.71 -10.28 -7.16
N ASN A 10 -3.23 -11.24 -6.37
CA ASN A 10 -2.04 -11.99 -6.72
C ASN A 10 -2.06 -13.38 -6.09
N VAL A 11 -1.39 -14.35 -6.73
CA VAL A 11 -1.18 -15.70 -6.22
C VAL A 11 0.28 -15.98 -6.56
N VAL A 12 1.09 -16.26 -5.55
CA VAL A 12 2.50 -16.57 -5.76
C VAL A 12 2.73 -18.05 -5.45
N VAL A 13 3.25 -18.82 -6.40
CA VAL A 13 3.50 -20.23 -6.17
C VAL A 13 4.85 -20.38 -5.43
N LEU A 14 4.77 -20.83 -4.16
CA LEU A 14 5.96 -20.98 -3.32
C LEU A 14 6.47 -22.41 -3.34
N ASP A 15 7.76 -22.60 -2.99
CA ASP A 15 8.44 -23.90 -2.95
C ASP A 15 8.20 -24.68 -4.24
N ASN A 16 8.77 -24.21 -5.33
CA ASN A 16 8.52 -24.75 -6.65
C ASN A 16 9.74 -24.61 -7.55
N PRO A 17 10.16 -25.69 -8.26
CA PRO A 17 9.63 -27.06 -8.18
C PRO A 17 10.01 -27.72 -6.85
N SER A 18 9.42 -28.87 -6.59
CA SER A 18 9.69 -29.56 -5.36
C SER A 18 9.45 -31.05 -5.53
N PRO A 19 9.90 -31.92 -4.58
CA PRO A 19 9.50 -33.31 -4.62
C PRO A 19 7.96 -33.42 -4.66
N PHE A 20 7.43 -34.45 -5.31
CA PHE A 20 5.98 -34.67 -5.42
C PHE A 20 5.28 -34.58 -4.05
N TYR A 21 5.91 -35.15 -3.02
CA TYR A 21 5.34 -35.25 -1.70
C TYR A 21 5.33 -33.96 -0.88
N ASN A 22 6.00 -32.89 -1.35
CA ASN A 22 5.98 -31.62 -0.63
C ASN A 22 4.59 -31.00 -0.68
N PRO A 23 4.09 -30.39 0.41
CA PRO A 23 2.79 -29.73 0.34
C PRO A 23 2.81 -28.53 -0.62
N PHE A 24 1.66 -28.20 -1.20
CA PHE A 24 1.49 -27.06 -2.08
C PHE A 24 1.47 -25.78 -1.23
N GLN A 25 2.05 -24.69 -1.71
CA GLN A 25 2.07 -23.44 -0.98
C GLN A 25 1.79 -22.32 -1.93
N PHE A 26 0.73 -21.54 -1.64
CA PHE A 26 0.39 -20.43 -2.50
C PHE A 26 0.23 -19.22 -1.62
N GLU A 27 0.97 -18.14 -1.87
CA GLU A 27 0.77 -16.90 -1.14
C GLU A 27 -0.32 -16.12 -1.90
N ILE A 28 -1.48 -15.99 -1.30
CA ILE A 28 -2.61 -15.32 -1.93
C ILE A 28 -2.89 -13.92 -1.37
N THR A 29 -2.99 -12.91 -2.25
CA THR A 29 -3.36 -11.55 -1.88
C THR A 29 -4.72 -11.28 -2.50
N PHE A 30 -5.65 -10.74 -1.72
CA PHE A 30 -6.98 -10.40 -2.23
C PHE A 30 -7.54 -9.14 -1.58
N GLU A 31 -8.45 -8.46 -2.27
CA GLU A 31 -9.08 -7.25 -1.79
C GLU A 31 -10.54 -7.46 -1.49
N CYS A 32 -11.02 -6.75 -0.48
CA CYS A 32 -12.39 -6.78 -0.03
C CYS A 32 -12.96 -5.38 -0.14
N ILE A 33 -13.95 -5.16 -1.03
CA ILE A 33 -14.57 -3.85 -1.22
C ILE A 33 -15.29 -3.38 0.03
N GLU A 34 -16.11 -4.24 0.60
CA GLU A 34 -16.83 -3.92 1.81
C GLU A 34 -16.69 -5.05 2.83
N ASP A 35 -17.08 -4.81 4.09
CA ASP A 35 -17.03 -5.86 5.12
C ASP A 35 -17.94 -7.01 4.71
N LEU A 36 -17.45 -8.24 4.83
CA LEU A 36 -18.23 -9.39 4.43
C LEU A 36 -18.98 -10.00 5.59
N SER A 37 -20.28 -10.24 5.36
CA SER A 37 -21.19 -10.85 6.31
C SER A 37 -20.93 -12.35 6.47
N GLU A 38 -20.63 -13.02 5.35
CA GLU A 38 -20.37 -14.44 5.36
C GLU A 38 -18.84 -14.76 5.38
N ASP A 39 -18.46 -15.98 4.97
CA ASP A 39 -17.08 -16.41 4.88
C ASP A 39 -16.73 -16.69 3.42
N LEU A 40 -15.45 -16.64 3.10
CA LEU A 40 -14.96 -17.00 1.79
C LEU A 40 -14.32 -18.39 1.98
N GLU A 41 -14.72 -19.35 1.16
CA GLU A 41 -14.18 -20.70 1.27
C GLU A 41 -13.18 -20.96 0.16
N TRP A 42 -11.90 -21.08 0.54
CA TRP A 42 -10.83 -21.33 -0.40
C TRP A 42 -10.57 -22.82 -0.53
N LYS A 43 -10.26 -23.29 -1.75
CA LYS A 43 -9.99 -24.71 -1.97
C LYS A 43 -8.83 -24.91 -2.92
N ILE A 44 -8.05 -25.98 -2.72
CA ILE A 44 -6.99 -26.38 -3.62
C ILE A 44 -7.42 -27.74 -4.13
N ILE A 45 -7.63 -27.88 -5.43
CA ILE A 45 -8.07 -29.13 -6.03
C ILE A 45 -7.02 -29.61 -7.00
N TYR A 46 -6.68 -30.91 -6.93
CA TYR A 46 -5.69 -31.53 -7.78
C TYR A 46 -6.39 -32.45 -8.75
N VAL A 47 -6.15 -32.28 -10.04
CA VAL A 47 -6.75 -33.17 -11.02
C VAL A 47 -5.90 -34.44 -11.12
N GLY A 48 -6.28 -35.47 -10.37
CA GLY A 48 -5.53 -36.73 -10.36
C GLY A 48 -5.59 -37.47 -11.68
N SER A 49 -6.72 -37.34 -12.38
CA SER A 49 -6.88 -37.96 -13.68
C SER A 49 -7.58 -37.02 -14.61
N ALA A 50 -6.91 -36.66 -15.71
CA ALA A 50 -7.48 -35.81 -16.73
C ALA A 50 -8.69 -36.50 -17.37
N GLU A 51 -8.63 -37.82 -17.50
CA GLU A 51 -9.70 -38.56 -18.11
C GLU A 51 -10.96 -38.60 -17.26
N SER A 52 -10.85 -38.64 -15.91
CA SER A 52 -12.05 -38.73 -15.07
C SER A 52 -12.08 -37.82 -13.85
N GLU A 53 -13.19 -37.08 -13.71
CA GLU A 53 -13.48 -36.14 -12.64
C GLU A 53 -13.52 -36.80 -11.26
N GLU A 54 -13.84 -38.09 -11.19
CA GLU A 54 -13.91 -38.79 -9.92
C GLU A 54 -12.56 -38.85 -9.20
N TYR A 55 -11.43 -38.65 -9.92
CA TYR A 55 -10.11 -38.66 -9.31
C TYR A 55 -9.58 -37.27 -8.96
N ASP A 56 -10.45 -36.25 -8.91
CA ASP A 56 -10.05 -34.92 -8.47
C ASP A 56 -9.99 -34.94 -6.97
N GLN A 57 -8.90 -34.43 -6.40
CA GLN A 57 -8.71 -34.44 -4.97
C GLN A 57 -8.72 -33.04 -4.40
N VAL A 58 -9.63 -32.75 -3.47
CA VAL A 58 -9.64 -31.48 -2.78
C VAL A 58 -8.56 -31.61 -1.70
N LEU A 59 -7.37 -31.09 -1.96
CA LEU A 59 -6.24 -31.20 -1.04
C LEU A 59 -6.45 -30.47 0.28
N ASP A 60 -7.22 -29.38 0.27
CA ASP A 60 -7.59 -28.63 1.46
C ASP A 60 -8.68 -27.62 1.17
N SER A 61 -9.46 -27.32 2.20
CA SER A 61 -10.55 -26.38 2.13
C SER A 61 -10.45 -25.52 3.37
N VAL A 62 -10.30 -24.22 3.19
CA VAL A 62 -10.15 -23.28 4.29
C VAL A 62 -11.26 -22.24 4.32
N LEU A 63 -11.74 -21.91 5.53
CA LEU A 63 -12.75 -20.87 5.71
C LEU A 63 -12.05 -19.61 6.24
N VAL A 64 -12.19 -18.51 5.50
CA VAL A 64 -11.61 -17.22 5.85
C VAL A 64 -12.76 -16.27 6.17
N GLY A 65 -12.91 -15.92 7.45
CA GLY A 65 -13.99 -15.04 7.85
C GLY A 65 -14.07 -14.73 9.33
N PRO A 66 -14.72 -13.62 9.73
CA PRO A 66 -15.31 -12.56 8.86
C PRO A 66 -14.22 -11.72 8.19
N VAL A 67 -14.52 -11.17 7.02
CA VAL A 67 -13.52 -10.43 6.26
C VAL A 67 -13.80 -8.96 6.30
N PRO A 68 -12.92 -8.17 6.94
CA PRO A 68 -13.11 -6.71 6.91
C PRO A 68 -12.68 -6.12 5.56
N ALA A 69 -13.22 -4.95 5.19
CA ALA A 69 -12.85 -4.30 3.92
C ALA A 69 -11.36 -3.97 3.92
N GLY A 70 -10.70 -4.18 2.80
CA GLY A 70 -9.27 -3.92 2.69
C GLY A 70 -8.52 -5.04 2.02
N ARG A 71 -7.21 -4.89 1.94
CA ARG A 71 -6.35 -5.90 1.33
C ARG A 71 -5.87 -6.91 2.35
N HIS A 72 -5.97 -8.20 2.00
CA HIS A 72 -5.56 -9.30 2.86
C HIS A 72 -4.59 -10.23 2.17
N MET A 73 -3.76 -10.89 2.95
CA MET A 73 -2.76 -11.82 2.44
C MET A 73 -2.63 -12.99 3.39
N PHE A 74 -2.42 -14.17 2.83
CA PHE A 74 -2.22 -15.39 3.57
C PHE A 74 -1.53 -16.40 2.70
N VAL A 75 -0.97 -17.45 3.32
CA VAL A 75 -0.38 -18.54 2.58
C VAL A 75 -1.32 -19.75 2.71
N PHE A 76 -1.87 -20.18 1.59
CA PHE A 76 -2.74 -21.32 1.57
C PHE A 76 -1.84 -22.52 1.30
N GLN A 77 -1.73 -23.44 2.28
CA GLN A 77 -0.92 -24.62 2.16
C GLN A 77 -1.79 -25.88 2.20
N ALA A 78 -1.50 -26.88 1.36
CA ALA A 78 -2.28 -28.10 1.33
C ALA A 78 -1.37 -29.31 1.08
N ASP A 79 -1.55 -30.43 1.80
CA ASP A 79 -0.73 -31.61 1.60
C ASP A 79 -0.77 -32.14 0.17
N ALA A 80 0.32 -32.81 -0.27
CA ALA A 80 0.40 -33.38 -1.61
C ALA A 80 -0.74 -34.38 -1.86
N PRO A 81 -1.16 -34.60 -3.13
CA PRO A 81 -2.24 -35.56 -3.36
C PRO A 81 -1.87 -36.98 -2.96
N ASN A 82 -2.88 -37.78 -2.63
CA ASN A 82 -2.71 -39.17 -2.25
C ASN A 82 -2.38 -39.98 -3.50
N PRO A 83 -1.15 -40.55 -3.60
CA PRO A 83 -0.81 -41.35 -4.79
C PRO A 83 -1.72 -42.57 -4.95
N GLY A 84 -2.28 -43.07 -3.85
CA GLY A 84 -3.20 -44.19 -3.83
C GLY A 84 -4.45 -43.96 -4.64
N LEU A 85 -4.79 -42.68 -4.93
CA LEU A 85 -5.95 -42.30 -5.74
C LEU A 85 -5.58 -41.81 -7.15
N ILE A 86 -4.30 -41.82 -7.52
CA ILE A 86 -3.86 -41.35 -8.82
C ILE A 86 -3.67 -42.52 -9.76
N PRO A 87 -4.45 -42.63 -10.86
CA PRO A 87 -4.25 -43.74 -11.80
C PRO A 87 -2.84 -43.69 -12.40
N ASP A 88 -2.16 -44.84 -12.47
CA ASP A 88 -0.78 -44.92 -12.98
C ASP A 88 -0.55 -44.16 -14.29
N ALA A 89 -1.50 -44.29 -15.23
CA ALA A 89 -1.39 -43.65 -16.53
C ALA A 89 -1.33 -42.12 -16.45
N ASP A 90 -1.96 -41.53 -15.41
CA ASP A 90 -2.00 -40.08 -15.23
C ASP A 90 -0.97 -39.54 -14.25
N ALA A 91 -0.10 -40.39 -13.68
CA ALA A 91 0.86 -39.95 -12.68
C ALA A 91 2.03 -39.13 -13.22
N VAL A 92 2.68 -39.59 -14.30
CA VAL A 92 3.84 -38.86 -14.83
C VAL A 92 3.45 -38.07 -16.06
N GLY A 93 3.74 -36.79 -16.00
CA GLY A 93 3.45 -35.86 -17.06
C GLY A 93 2.68 -34.65 -16.56
N VAL A 94 2.03 -33.94 -17.49
CA VAL A 94 1.28 -32.75 -17.18
C VAL A 94 -0.14 -33.02 -16.67
N THR A 95 -0.48 -32.40 -15.54
CA THR A 95 -1.81 -32.43 -14.96
C THR A 95 -2.21 -30.99 -14.55
N VAL A 96 -3.28 -30.79 -13.74
CA VAL A 96 -3.72 -29.47 -13.33
C VAL A 96 -3.96 -29.39 -11.82
N VAL A 97 -3.58 -28.28 -11.19
CA VAL A 97 -3.95 -27.93 -9.84
C VAL A 97 -4.75 -26.58 -9.95
N LEU A 98 -5.82 -26.47 -9.15
CA LEU A 98 -6.72 -25.33 -9.10
C LEU A 98 -6.80 -24.71 -7.71
N ILE A 99 -6.98 -23.40 -7.65
CA ILE A 99 -7.23 -22.65 -6.42
C ILE A 99 -8.57 -21.97 -6.67
N THR A 100 -9.62 -22.31 -5.90
CA THR A 100 -10.92 -21.69 -6.12
C THR A 100 -11.38 -20.98 -4.87
N CYS A 101 -12.18 -19.91 -5.04
CA CYS A 101 -12.77 -19.23 -3.91
C CYS A 101 -14.29 -19.14 -4.09
N THR A 102 -15.02 -19.35 -3.00
CA THR A 102 -16.48 -19.38 -2.99
C THR A 102 -17.03 -18.40 -1.98
N TYR A 103 -18.11 -17.73 -2.34
CA TYR A 103 -18.81 -16.83 -1.44
C TYR A 103 -20.29 -17.20 -1.46
N ARG A 104 -20.83 -17.58 -0.29
CA ARG A 104 -22.22 -18.00 -0.16
C ARG A 104 -22.55 -19.18 -1.04
N GLY A 105 -21.64 -20.15 -1.08
CA GLY A 105 -21.81 -21.37 -1.86
C GLY A 105 -21.64 -21.23 -3.36
N GLN A 106 -21.12 -20.07 -3.82
CA GLN A 106 -20.92 -19.85 -5.24
C GLN A 106 -19.49 -19.56 -5.54
N GLU A 107 -18.89 -20.34 -6.45
CA GLU A 107 -17.49 -20.15 -6.86
C GLU A 107 -17.37 -18.95 -7.80
N PHE A 108 -16.58 -17.94 -7.40
CA PHE A 108 -16.45 -16.73 -8.20
C PHE A 108 -15.11 -16.56 -8.90
N ILE A 109 -14.11 -17.37 -8.52
CA ILE A 109 -12.78 -17.29 -9.11
C ILE A 109 -12.15 -18.67 -9.12
N ARG A 110 -11.35 -18.95 -10.14
CA ARG A 110 -10.65 -20.23 -10.25
C ARG A 110 -9.30 -19.97 -10.92
N VAL A 111 -8.20 -20.21 -10.19
CA VAL A 111 -6.86 -20.01 -10.75
C VAL A 111 -6.26 -21.37 -11.01
N GLY A 112 -6.05 -21.69 -12.27
CA GLY A 112 -5.51 -22.98 -12.64
C GLY A 112 -4.07 -22.92 -13.11
N TYR A 113 -3.30 -23.96 -12.80
CA TYR A 113 -1.90 -24.07 -13.21
C TYR A 113 -1.65 -25.47 -13.78
N TYR A 114 -0.85 -25.56 -14.84
CA TYR A 114 -0.42 -26.86 -15.36
C TYR A 114 0.69 -27.29 -14.42
N VAL A 115 0.72 -28.59 -14.07
CA VAL A 115 1.69 -29.14 -13.16
C VAL A 115 2.38 -30.25 -13.88
N ASN A 116 3.70 -30.16 -14.02
CA ASN A 116 4.45 -31.18 -14.73
C ASN A 116 5.22 -32.05 -13.74
N ASN A 117 4.82 -33.34 -13.60
CA ASN A 117 5.48 -34.24 -12.68
C ASN A 117 6.45 -35.09 -13.51
N GLU A 118 7.76 -34.94 -13.30
CA GLU A 118 8.77 -35.65 -14.08
C GLU A 118 9.86 -36.24 -13.20
N TYR A 119 10.54 -37.28 -13.69
CA TYR A 119 11.67 -37.84 -12.93
C TYR A 119 12.88 -36.91 -13.08
N THR A 120 13.76 -36.90 -12.08
CA THR A 120 14.95 -36.05 -12.14
C THR A 120 16.23 -36.84 -12.52
N GLU A 121 16.26 -38.13 -12.23
CA GLU A 121 17.40 -38.99 -12.55
C GLU A 121 17.37 -39.40 -14.01
N THR A 122 18.53 -39.36 -14.68
CA THR A 122 18.67 -39.72 -16.10
C THR A 122 18.16 -41.12 -16.41
N GLU A 123 18.45 -42.08 -15.53
CA GLU A 123 18.05 -43.47 -15.66
C GLU A 123 16.54 -43.62 -15.74
N LEU A 124 15.81 -42.93 -14.86
CA LEU A 124 14.36 -42.96 -14.85
C LEU A 124 13.74 -42.12 -15.97
N ARG A 125 14.40 -41.02 -16.36
CA ARG A 125 13.91 -40.19 -17.46
C ARG A 125 13.97 -40.94 -18.79
N GLU A 126 14.98 -41.80 -18.96
CA GLU A 126 15.14 -42.57 -20.18
C GLU A 126 14.33 -43.85 -20.16
N ASN A 127 14.27 -44.48 -19.00
CA ASN A 127 13.56 -45.74 -18.84
C ASN A 127 12.64 -45.66 -17.62
N PRO A 128 11.48 -45.00 -17.77
CA PRO A 128 10.55 -44.89 -16.64
C PRO A 128 9.88 -46.20 -16.23
N PRO A 129 9.64 -46.39 -14.92
CA PRO A 129 9.00 -47.62 -14.48
C PRO A 129 7.53 -47.71 -14.86
N VAL A 130 7.03 -48.92 -15.03
CA VAL A 130 5.63 -49.23 -15.34
C VAL A 130 4.75 -48.72 -14.20
N LYS A 131 5.19 -48.92 -12.94
CA LYS A 131 4.52 -48.39 -11.77
C LYS A 131 5.25 -47.08 -11.42
N PRO A 132 4.56 -45.94 -11.39
CA PRO A 132 5.23 -44.67 -11.10
C PRO A 132 5.84 -44.60 -9.71
N ASP A 133 7.08 -44.11 -9.62
CA ASP A 133 7.75 -43.96 -8.33
C ASP A 133 7.54 -42.53 -7.88
N PHE A 134 6.56 -42.32 -7.02
CA PHE A 134 6.22 -41.02 -6.50
C PHE A 134 7.31 -40.40 -5.65
N SER A 135 8.13 -41.24 -4.99
CA SER A 135 9.24 -40.73 -4.19
C SER A 135 10.39 -40.20 -5.06
N LYS A 136 10.38 -40.45 -6.39
CA LYS A 136 11.41 -39.95 -7.30
C LYS A 136 10.88 -38.92 -8.30
N LEU A 137 9.58 -38.50 -8.19
CA LEU A 137 8.95 -37.52 -9.07
C LEU A 137 9.11 -36.13 -8.52
N GLN A 138 9.43 -35.17 -9.41
CA GLN A 138 9.53 -33.79 -9.08
C GLN A 138 8.33 -33.08 -9.65
N ARG A 139 7.61 -32.32 -8.82
CA ARG A 139 6.45 -31.55 -9.25
C ARG A 139 6.93 -30.22 -9.64
N ASN A 140 6.59 -29.79 -10.85
CA ASN A 140 6.94 -28.46 -11.31
C ASN A 140 5.68 -27.72 -11.79
N ILE A 141 5.13 -26.85 -10.95
CA ILE A 141 3.95 -26.06 -11.29
C ILE A 141 4.40 -25.01 -12.27
N LEU A 142 3.73 -24.91 -13.41
CA LEU A 142 4.09 -23.93 -14.42
C LEU A 142 3.48 -22.56 -14.05
N ALA A 143 4.11 -21.93 -13.05
CA ALA A 143 3.68 -20.71 -12.38
C ALA A 143 3.67 -19.46 -13.24
N SER A 144 4.50 -19.43 -14.29
CA SER A 144 4.53 -18.25 -15.16
C SER A 144 3.30 -18.10 -16.06
N ASN A 145 2.38 -19.05 -16.03
CA ASN A 145 1.23 -19.01 -16.90
C ASN A 145 -0.04 -19.53 -16.26
N PRO A 146 -0.60 -18.80 -15.27
CA PRO A 146 -1.86 -19.25 -14.66
C PRO A 146 -3.05 -18.90 -15.53
N ARG A 147 -4.15 -19.62 -15.35
CA ARG A 147 -5.38 -19.34 -16.08
C ARG A 147 -6.38 -18.89 -15.07
N VAL A 148 -6.74 -17.60 -15.11
CA VAL A 148 -7.70 -17.04 -14.18
C VAL A 148 -9.09 -16.97 -14.79
N THR A 149 -10.09 -17.53 -14.10
CA THR A 149 -11.44 -17.53 -14.60
C THR A 149 -12.35 -17.00 -13.54
N ARG A 150 -13.09 -15.96 -13.87
CA ARG A 150 -14.04 -15.34 -12.95
C ARG A 150 -15.45 -15.76 -13.34
N PHE A 151 -16.33 -15.89 -12.35
CA PHE A 151 -17.70 -16.31 -12.61
C PHE A 151 -18.68 -15.29 -12.12
N HIS A 152 -19.81 -15.16 -12.83
CA HIS A 152 -20.84 -14.22 -12.39
C HIS A 152 -21.62 -14.87 -11.26
N ILE A 153 -21.51 -14.32 -10.04
CA ILE A 153 -22.23 -14.86 -8.89
C ILE A 153 -23.14 -13.79 -8.28
N ASN A 154 -24.08 -14.20 -7.43
CA ASN A 154 -24.98 -13.29 -6.76
C ASN A 154 -24.31 -12.77 -5.48
N TRP A 155 -23.84 -11.52 -5.49
CA TRP A 155 -23.16 -10.96 -4.33
C TRP A 155 -24.09 -10.40 -3.25
N GLU A 156 -25.40 -10.30 -3.51
CA GLU A 156 -26.32 -9.82 -2.48
C GLU A 156 -27.78 -10.24 -2.70
N MET B 3 20.47 1.23 5.67
CA MET B 3 20.12 0.56 6.93
C MET B 3 19.39 -0.79 6.66
N ALA B 4 18.67 -1.41 7.63
CA ALA B 4 18.15 -2.77 7.41
C ALA B 4 17.13 -2.91 6.28
N LYS B 5 17.46 -3.72 5.28
CA LYS B 5 16.60 -3.96 4.12
C LYS B 5 15.46 -4.96 4.37
N VAL B 6 15.63 -5.84 5.36
CA VAL B 6 14.63 -6.87 5.63
C VAL B 6 14.14 -6.77 7.06
N GLN B 7 12.82 -6.92 7.27
CA GLN B 7 12.27 -6.90 8.60
C GLN B 7 11.33 -8.08 8.75
N VAL B 8 11.49 -8.89 9.80
CA VAL B 8 10.58 -10.02 10.03
C VAL B 8 9.41 -9.53 10.87
N ASN B 9 8.22 -9.55 10.30
CA ASN B 9 7.03 -9.04 10.97
C ASN B 9 6.38 -10.01 11.92
N ASN B 10 6.26 -11.28 11.51
CA ASN B 10 5.60 -12.28 12.35
C ASN B 10 6.10 -13.69 12.05
N VAL B 11 6.04 -14.61 13.03
CA VAL B 11 6.35 -16.03 12.90
C VAL B 11 5.25 -16.74 13.65
N VAL B 12 4.48 -17.58 12.97
CA VAL B 12 3.36 -18.29 13.58
C VAL B 12 3.71 -19.77 13.68
N VAL B 13 3.68 -20.35 14.89
CA VAL B 13 3.97 -21.79 15.03
C VAL B 13 2.73 -22.60 14.69
N LEU B 14 2.80 -23.37 13.59
CA LEU B 14 1.68 -24.18 13.11
C LEU B 14 1.82 -25.63 13.61
N ASP B 15 0.68 -26.37 13.70
CA ASP B 15 0.65 -27.77 14.15
C ASP B 15 1.40 -27.92 15.49
N ASN B 16 0.81 -27.36 16.56
CA ASN B 16 1.47 -27.35 17.85
C ASN B 16 0.50 -27.47 19.02
N PRO B 17 0.74 -28.37 19.98
CA PRO B 17 1.81 -29.37 20.01
C PRO B 17 1.57 -30.49 19.00
N SER B 18 2.59 -31.31 18.78
CA SER B 18 2.48 -32.39 17.81
C SER B 18 3.37 -33.52 18.25
N PRO B 19 3.14 -34.75 17.76
CA PRO B 19 4.08 -35.84 18.04
C PRO B 19 5.51 -35.43 17.68
N PHE B 20 6.51 -35.91 18.42
CA PHE B 20 7.91 -35.55 18.18
C PHE B 20 8.34 -35.62 16.70
N TYR B 21 7.89 -36.68 16.02
CA TYR B 21 8.24 -36.99 14.65
C TYR B 21 7.57 -36.09 13.58
N ASN B 22 6.60 -35.26 13.95
CA ASN B 22 5.96 -34.38 12.99
C ASN B 22 6.95 -33.31 12.54
N PRO B 23 6.98 -32.94 11.25
CA PRO B 23 7.86 -31.82 10.83
C PRO B 23 7.46 -30.51 11.47
N PHE B 24 8.43 -29.59 11.64
CA PHE B 24 8.22 -28.25 12.18
C PHE B 24 7.55 -27.40 11.11
N GLN B 25 6.61 -26.55 11.50
CA GLN B 25 5.92 -25.67 10.54
C GLN B 25 5.84 -24.29 11.12
N PHE B 26 6.39 -23.31 10.42
CA PHE B 26 6.36 -21.93 10.87
C PHE B 26 5.90 -21.06 9.74
N GLU B 27 4.82 -20.30 9.93
CA GLU B 27 4.38 -19.33 8.91
C GLU B 27 5.12 -18.01 9.15
N ILE B 28 6.01 -17.65 8.25
CA ILE B 28 6.80 -16.43 8.38
C ILE B 28 6.25 -15.27 7.51
N THR B 29 6.17 -14.07 8.07
CA THR B 29 5.81 -12.87 7.34
C THR B 29 6.98 -11.94 7.52
N PHE B 30 7.49 -11.47 6.41
CA PHE B 30 8.57 -10.49 6.43
C PHE B 30 8.24 -9.40 5.41
N GLU B 31 8.95 -8.27 5.45
CA GLU B 31 8.74 -7.22 4.45
C GLU B 31 10.09 -6.65 4.04
N CYS B 32 10.17 -6.29 2.77
CA CYS B 32 11.35 -5.78 2.10
C CYS B 32 11.29 -4.32 1.80
N ILE B 33 12.28 -3.56 2.26
CA ILE B 33 12.33 -2.13 2.00
C ILE B 33 12.57 -1.84 0.54
N GLU B 34 13.57 -2.49 -0.04
CA GLU B 34 13.90 -2.30 -1.44
C GLU B 34 14.05 -3.64 -2.16
N ASP B 35 14.07 -3.62 -3.50
CA ASP B 35 14.26 -4.84 -4.28
C ASP B 35 15.63 -5.43 -3.98
N LEU B 36 15.67 -6.74 -3.81
CA LEU B 36 16.87 -7.50 -3.55
C LEU B 36 17.06 -8.40 -4.76
N SER B 37 18.06 -8.15 -5.59
CA SER B 37 18.37 -9.07 -6.68
C SER B 37 19.50 -9.86 -6.06
N GLU B 38 19.16 -10.62 -4.99
CA GLU B 38 20.06 -11.36 -4.10
C GLU B 38 19.24 -12.28 -3.19
N ASP B 39 19.85 -13.38 -2.72
CA ASP B 39 19.14 -14.32 -1.85
C ASP B 39 19.22 -14.04 -0.35
N LEU B 40 18.17 -14.48 0.37
CA LEU B 40 18.01 -14.51 1.83
C LEU B 40 18.01 -15.99 2.13
N GLU B 41 18.74 -16.41 3.15
CA GLU B 41 18.83 -17.83 3.48
C GLU B 41 18.25 -18.11 4.85
N TRP B 42 17.12 -18.78 4.89
CA TRP B 42 16.43 -19.14 6.12
C TRP B 42 16.86 -20.52 6.62
N LYS B 43 16.96 -20.69 7.94
CA LYS B 43 17.38 -21.96 8.52
C LYS B 43 16.59 -22.28 9.78
N ILE B 44 16.31 -23.59 10.02
CA ILE B 44 15.74 -24.09 11.28
C ILE B 44 16.84 -24.92 11.94
N ILE B 45 17.21 -24.59 13.18
CA ILE B 45 18.29 -25.24 13.91
C ILE B 45 17.77 -25.77 15.24
N TYR B 46 17.88 -27.09 15.44
CA TYR B 46 17.40 -27.73 16.64
C TYR B 46 18.55 -27.98 17.58
N VAL B 47 18.42 -27.58 18.84
CA VAL B 47 19.45 -27.83 19.83
C VAL B 47 19.23 -29.22 20.44
N GLY B 48 19.75 -30.26 19.79
CA GLY B 48 19.58 -31.63 20.26
C GLY B 48 20.10 -31.85 21.67
N SER B 49 21.32 -31.40 21.92
CA SER B 49 21.95 -31.43 23.23
C SER B 49 22.33 -30.02 23.58
N ALA B 50 21.89 -29.56 24.74
CA ALA B 50 22.16 -28.22 25.24
C ALA B 50 23.62 -28.11 25.70
N GLU B 51 24.15 -29.17 26.28
CA GLU B 51 25.52 -29.19 26.77
C GLU B 51 26.57 -29.09 25.65
N SER B 52 26.29 -29.56 24.41
CA SER B 52 27.28 -29.42 23.32
C SER B 52 26.72 -28.89 22.02
N GLU B 53 27.54 -28.08 21.32
CA GLU B 53 27.21 -27.51 20.03
C GLU B 53 27.21 -28.53 18.89
N GLU B 54 27.93 -29.65 19.05
CA GLU B 54 28.04 -30.65 18.01
C GLU B 54 26.73 -31.42 17.76
N TYR B 55 25.76 -31.36 18.71
CA TYR B 55 24.48 -32.03 18.53
C TYR B 55 23.37 -31.10 18.04
N ASP B 56 23.73 -29.94 17.49
CA ASP B 56 22.77 -29.01 16.89
C ASP B 56 22.51 -29.53 15.49
N GLN B 57 21.24 -29.57 15.12
CA GLN B 57 20.84 -30.06 13.81
C GLN B 57 20.19 -29.00 12.95
N VAL B 58 20.79 -28.72 11.78
CA VAL B 58 20.16 -27.78 10.85
C VAL B 58 19.09 -28.62 10.17
N LEU B 59 17.83 -28.52 10.62
CA LEU B 59 16.73 -29.32 10.08
C LEU B 59 16.44 -29.05 8.61
N ASP B 60 16.66 -27.79 8.17
CA ASP B 60 16.52 -27.38 6.78
C ASP B 60 17.07 -25.97 6.54
N SER B 61 17.49 -25.72 5.32
CA SER B 61 18.03 -24.46 4.87
C SER B 61 17.32 -24.11 3.54
N VAL B 62 16.63 -22.98 3.51
CA VAL B 62 15.85 -22.54 2.37
C VAL B 62 16.39 -21.23 1.78
N LEU B 63 16.42 -21.10 0.45
CA LEU B 63 16.83 -19.88 -0.21
C LEU B 63 15.60 -19.16 -0.73
N VAL B 64 15.46 -17.89 -0.38
CA VAL B 64 14.35 -17.06 -0.81
C VAL B 64 14.91 -15.85 -1.59
N GLY B 65 14.75 -15.87 -2.91
CA GLY B 65 15.24 -14.77 -3.73
C GLY B 65 15.09 -14.93 -5.24
N PRO B 66 15.14 -13.82 -6.01
CA PRO B 66 15.23 -12.42 -5.59
C PRO B 66 13.96 -11.95 -4.89
N VAL B 67 14.10 -10.97 -4.01
CA VAL B 67 12.99 -10.48 -3.23
C VAL B 67 12.56 -9.11 -3.71
N PRO B 68 11.37 -8.97 -4.29
CA PRO B 68 10.89 -7.63 -4.66
C PRO B 68 10.45 -6.84 -3.41
N ALA B 69 10.48 -5.50 -3.44
CA ALA B 69 10.09 -4.69 -2.27
C ALA B 69 8.64 -4.94 -1.94
N GLY B 70 8.33 -5.08 -0.66
CA GLY B 70 6.95 -5.33 -0.23
C GLY B 70 6.85 -6.39 0.82
N ARG B 71 5.63 -6.72 1.24
CA ARG B 71 5.43 -7.75 2.27
C ARG B 71 5.28 -9.14 1.64
N HIS B 72 5.99 -10.12 2.22
CA HIS B 72 5.96 -11.50 1.76
C HIS B 72 5.65 -12.45 2.88
N MET B 73 5.07 -13.58 2.53
CA MET B 73 4.66 -14.56 3.51
C MET B 73 4.94 -15.98 3.01
N PHE B 74 5.38 -16.89 3.89
CA PHE B 74 5.66 -18.29 3.49
C PHE B 74 5.66 -19.23 4.70
N VAL B 75 5.50 -20.54 4.45
CA VAL B 75 5.56 -21.52 5.52
C VAL B 75 6.85 -22.29 5.42
N PHE B 76 7.72 -22.10 6.40
CA PHE B 76 8.98 -22.79 6.50
C PHE B 76 8.72 -24.11 7.24
N GLN B 77 8.84 -25.22 6.50
CA GLN B 77 8.64 -26.54 7.06
C GLN B 77 9.98 -27.31 7.03
N ALA B 78 10.28 -28.03 8.10
CA ALA B 78 11.54 -28.78 8.18
C ALA B 78 11.28 -30.09 8.94
N ASP B 79 11.82 -31.23 8.46
CA ASP B 79 11.63 -32.52 9.11
C ASP B 79 12.11 -32.54 10.57
N ALA B 80 11.47 -33.38 11.41
CA ALA B 80 11.83 -33.52 12.82
C ALA B 80 13.34 -33.88 12.98
N PRO B 81 13.98 -33.54 14.13
CA PRO B 81 15.39 -33.91 14.29
C PRO B 81 15.58 -35.42 14.40
N ASN B 82 16.78 -35.87 14.03
CA ASN B 82 17.14 -37.27 14.06
C ASN B 82 17.35 -37.68 15.51
N PRO B 83 16.50 -38.59 16.04
CA PRO B 83 16.68 -39.04 17.43
C PRO B 83 18.02 -39.75 17.64
N GLY B 84 18.57 -40.34 16.57
CA GLY B 84 19.86 -40.99 16.59
C GLY B 84 21.00 -40.08 17.01
N LEU B 85 20.83 -38.78 16.88
CA LEU B 85 21.83 -37.80 17.25
C LEU B 85 21.47 -37.04 18.55
N ILE B 86 20.38 -37.40 19.24
CA ILE B 86 19.97 -36.72 20.47
C ILE B 86 20.41 -37.53 21.68
N PRO B 87 21.33 -36.99 22.52
CA PRO B 87 21.74 -37.73 23.72
C PRO B 87 20.56 -38.00 24.65
N ASP B 88 20.45 -39.23 25.18
CA ASP B 88 19.34 -39.65 26.04
C ASP B 88 18.98 -38.63 27.15
N ALA B 89 19.99 -38.09 27.84
CA ALA B 89 19.78 -37.14 28.91
C ALA B 89 19.07 -35.85 28.45
N ASP B 90 19.28 -35.47 27.16
CA ASP B 90 18.68 -34.26 26.62
C ASP B 90 17.41 -34.50 25.81
N ALA B 91 16.91 -35.73 25.74
CA ALA B 91 15.72 -36.06 24.95
C ALA B 91 14.39 -35.61 25.56
N VAL B 92 14.15 -35.88 26.85
CA VAL B 92 12.90 -35.48 27.49
C VAL B 92 13.09 -34.25 28.33
N GLY B 93 12.32 -33.23 28.02
CA GLY B 93 12.40 -31.97 28.72
C GLY B 93 12.53 -30.80 27.77
N VAL B 94 12.88 -29.64 28.32
CA VAL B 94 13.02 -28.40 27.55
C VAL B 94 14.32 -28.28 26.76
N THR B 95 14.19 -27.97 25.47
CA THR B 95 15.29 -27.72 24.55
C THR B 95 14.97 -26.45 23.71
N VAL B 96 15.73 -26.13 22.66
CA VAL B 96 15.49 -24.92 21.87
C VAL B 96 15.42 -25.21 20.37
N VAL B 97 14.50 -24.54 19.66
CA VAL B 97 14.43 -24.54 18.21
C VAL B 97 14.66 -23.07 17.74
N LEU B 98 15.42 -22.90 16.63
CA LEU B 98 15.77 -21.57 16.10
C LEU B 98 15.40 -21.40 14.67
N ILE B 99 15.09 -20.16 14.30
CA ILE B 99 14.81 -19.76 12.93
C ILE B 99 15.80 -18.64 12.67
N THR B 100 16.69 -18.73 11.68
CA THR B 100 17.66 -17.63 11.46
C THR B 100 17.76 -17.21 10.01
N CYS B 101 17.65 -15.91 9.73
CA CYS B 101 17.74 -15.43 8.37
C CYS B 101 19.09 -14.81 8.11
N THR B 102 19.70 -15.17 6.96
CA THR B 102 21.01 -14.68 6.57
C THR B 102 20.95 -13.87 5.29
N TYR B 103 21.62 -12.73 5.25
CA TYR B 103 21.70 -11.91 4.04
C TYR B 103 23.17 -11.60 3.84
N ARG B 104 23.71 -11.96 2.66
CA ARG B 104 25.11 -11.71 2.31
C ARG B 104 26.07 -12.35 3.32
N GLY B 105 25.73 -13.54 3.76
CA GLY B 105 26.58 -14.28 4.69
C GLY B 105 26.48 -13.84 6.14
N GLN B 106 25.58 -12.88 6.43
CA GLN B 106 25.40 -12.40 7.77
C GLN B 106 24.03 -12.68 8.27
N GLU B 107 23.94 -13.34 9.43
CA GLU B 107 22.69 -13.62 10.12
C GLU B 107 22.27 -12.28 10.71
N PHE B 108 21.06 -11.85 10.41
CA PHE B 108 20.58 -10.56 10.90
C PHE B 108 19.43 -10.68 11.90
N ILE B 109 18.83 -11.87 12.00
CA ILE B 109 17.70 -12.14 12.88
C ILE B 109 17.78 -13.59 13.34
N ARG B 110 17.31 -13.85 14.58
CA ARG B 110 17.27 -15.20 15.12
C ARG B 110 16.07 -15.29 16.05
N VAL B 111 15.09 -16.15 15.69
CA VAL B 111 13.89 -16.32 16.50
C VAL B 111 13.99 -17.65 17.21
N GLY B 112 14.15 -17.61 18.52
CA GLY B 112 14.27 -18.82 19.32
C GLY B 112 13.01 -19.16 20.09
N TYR B 113 12.73 -20.45 20.23
CA TYR B 113 11.56 -20.93 20.95
C TYR B 113 11.99 -22.09 21.88
N TYR B 114 11.48 -22.09 23.12
CA TYR B 114 11.73 -23.22 24.00
C TYR B 114 10.78 -24.31 23.52
N VAL B 115 11.27 -25.55 23.47
CA VAL B 115 10.50 -26.69 23.02
C VAL B 115 10.46 -27.69 24.17
N ASN B 116 9.28 -28.01 24.66
CA ASN B 116 9.15 -28.94 25.75
C ASN B 116 8.65 -30.24 25.19
N ASN B 117 9.48 -31.27 25.17
CA ASN B 117 9.09 -32.59 24.67
C ASN B 117 8.78 -33.46 25.92
N GLU B 118 7.51 -33.82 26.11
CA GLU B 118 7.04 -34.60 27.27
C GLU B 118 6.21 -35.83 26.85
N TYR B 119 6.13 -36.84 27.71
CA TYR B 119 5.29 -38.01 27.42
C TYR B 119 3.83 -37.60 27.64
N THR B 120 2.91 -38.26 26.94
CA THR B 120 1.49 -37.98 27.07
C THR B 120 0.77 -38.99 27.96
N GLU B 121 1.26 -40.24 28.00
CA GLU B 121 0.68 -41.31 28.80
C GLU B 121 1.07 -41.18 30.27
N THR B 122 0.11 -41.35 31.17
CA THR B 122 0.31 -41.25 32.61
C THR B 122 1.43 -42.18 33.13
N GLU B 123 1.49 -43.41 32.59
CA GLU B 123 2.45 -44.44 32.95
C GLU B 123 3.86 -43.95 32.71
N LEU B 124 4.13 -43.36 31.54
CA LEU B 124 5.46 -42.85 31.21
C LEU B 124 5.74 -41.56 31.92
N ARG B 125 4.73 -40.70 32.12
CA ARG B 125 4.95 -39.43 32.81
C ARG B 125 5.39 -39.67 34.27
N GLU B 126 4.90 -40.75 34.90
CA GLU B 126 5.26 -41.06 36.26
C GLU B 126 6.52 -41.91 36.31
N ASN B 127 6.66 -42.84 35.39
CA ASN B 127 7.82 -43.74 35.35
C ASN B 127 8.43 -43.72 33.94
N PRO B 128 9.20 -42.67 33.62
CA PRO B 128 9.79 -42.59 32.27
C PRO B 128 10.87 -43.61 32.02
N PRO B 129 10.98 -44.12 30.79
CA PRO B 129 12.01 -45.13 30.50
C PRO B 129 13.41 -44.54 30.53
N VAL B 130 14.38 -45.34 30.86
CA VAL B 130 15.81 -44.97 30.89
C VAL B 130 16.23 -44.55 29.47
N LYS B 131 15.79 -45.34 28.45
CA LYS B 131 16.01 -45.05 27.05
C LYS B 131 14.73 -44.34 26.57
N PRO B 132 14.86 -43.09 26.08
CA PRO B 132 13.67 -42.34 25.66
C PRO B 132 12.91 -42.95 24.49
N ASP B 133 11.58 -42.99 24.61
CA ASP B 133 10.74 -43.50 23.54
C ASP B 133 10.25 -42.32 22.72
N PHE B 134 10.92 -42.02 21.60
CA PHE B 134 10.56 -40.88 20.76
C PHE B 134 9.20 -41.01 20.09
N SER B 135 8.72 -42.26 19.89
CA SER B 135 7.42 -42.48 19.31
C SER B 135 6.29 -42.20 20.32
N LYS B 136 6.61 -41.99 21.61
CA LYS B 136 5.60 -41.65 22.61
C LYS B 136 5.78 -40.21 23.17
N LEU B 137 6.67 -39.37 22.58
CA LEU B 137 6.94 -38.01 23.03
C LEU B 137 6.11 -36.97 22.28
N GLN B 138 5.72 -35.87 22.96
CA GLN B 138 4.92 -34.81 22.36
C GLN B 138 5.67 -33.51 22.41
N ARG B 139 5.86 -32.92 21.24
CA ARG B 139 6.57 -31.67 21.13
C ARG B 139 5.67 -30.48 21.23
N ASN B 140 5.80 -29.73 22.34
CA ASN B 140 5.01 -28.54 22.53
C ASN B 140 5.94 -27.32 22.51
N ILE B 141 6.09 -26.68 21.34
CA ILE B 141 6.88 -25.47 21.17
C ILE B 141 6.18 -24.36 21.94
N LEU B 142 6.91 -23.67 22.82
CA LEU B 142 6.31 -22.64 23.65
C LEU B 142 6.20 -21.33 22.83
N ALA B 143 5.25 -21.35 21.88
CA ALA B 143 5.01 -20.34 20.86
C ALA B 143 4.60 -18.97 21.37
N SER B 144 3.97 -18.90 22.54
CA SER B 144 3.55 -17.60 23.09
C SER B 144 4.73 -16.77 23.63
N ASN B 145 5.97 -17.27 23.56
CA ASN B 145 7.09 -16.53 24.10
C ASN B 145 8.36 -16.73 23.29
N PRO B 146 8.41 -16.19 22.07
CA PRO B 146 9.66 -16.29 21.28
C PRO B 146 10.70 -15.26 21.73
N ARG B 147 11.97 -15.57 21.45
CA ARG B 147 13.04 -14.63 21.75
C ARG B 147 13.61 -14.18 20.45
N VAL B 148 13.36 -12.91 20.11
CA VAL B 148 13.84 -12.34 18.85
C VAL B 148 15.12 -11.55 19.07
N THR B 149 16.15 -11.84 18.27
CA THR B 149 17.43 -11.16 18.42
C THR B 149 17.84 -10.68 17.07
N ARG B 150 18.09 -9.39 16.98
CA ARG B 150 18.53 -8.75 15.75
C ARG B 150 20.02 -8.46 15.85
N PHE B 151 20.71 -8.52 14.71
CA PHE B 151 22.14 -8.28 14.67
C PHE B 151 22.48 -7.13 13.74
N HIS B 152 23.45 -6.30 14.13
CA HIS B 152 23.87 -5.20 13.27
C HIS B 152 24.78 -5.81 12.23
N ILE B 153 24.30 -5.90 10.99
CA ILE B 153 25.10 -6.50 9.93
C ILE B 153 25.63 -5.38 8.99
N ASN B 154 26.09 -5.72 7.77
CA ASN B 154 26.49 -4.77 6.74
C ASN B 154 25.48 -4.96 5.58
N TRP B 155 24.53 -4.02 5.44
CA TRP B 155 23.53 -4.10 4.38
C TRP B 155 24.06 -3.35 3.16
N GLU B 156 24.79 -4.06 2.28
CA GLU B 156 25.45 -3.49 1.10
C GLU B 156 26.63 -2.58 1.52
N MET C 3 -1.20 0.74 -19.70
CA MET C 3 0.01 1.52 -20.00
C MET C 3 -0.09 3.02 -19.66
N ALA C 4 -1.24 3.49 -19.16
CA ALA C 4 -1.37 4.87 -18.73
C ALA C 4 -0.76 4.99 -17.34
N LYS C 5 0.17 5.93 -17.14
CA LYS C 5 0.83 6.15 -15.86
C LYS C 5 -0.01 6.88 -14.82
N VAL C 6 -1.04 7.62 -15.25
CA VAL C 6 -1.87 8.39 -14.33
C VAL C 6 -3.33 8.03 -14.48
N GLN C 7 -4.02 7.91 -13.35
CA GLN C 7 -5.45 7.63 -13.35
C GLN C 7 -6.11 8.62 -12.41
N VAL C 8 -7.14 9.37 -12.86
CA VAL C 8 -7.82 10.30 -11.97
C VAL C 8 -8.91 9.54 -11.27
N ASN C 9 -8.82 9.43 -9.95
CA ASN C 9 -9.79 8.67 -9.17
C ASN C 9 -11.06 9.43 -8.85
N ASN C 10 -10.95 10.69 -8.47
CA ASN C 10 -12.11 11.48 -8.08
C ASN C 10 -11.85 12.98 -8.24
N VAL C 11 -12.92 13.76 -8.48
CA VAL C 11 -12.89 15.22 -8.53
C VAL C 11 -14.07 15.66 -7.69
N VAL C 12 -13.83 16.43 -6.62
CA VAL C 12 -14.90 16.88 -5.75
C VAL C 12 -15.08 18.37 -5.93
N VAL C 13 -16.29 18.83 -6.29
CA VAL C 13 -16.54 20.25 -6.47
C VAL C 13 -16.81 20.86 -5.09
N LEU C 14 -15.90 21.73 -4.62
CA LEU C 14 -16.00 22.39 -3.33
C LEU C 14 -16.64 23.76 -3.46
N ASP C 15 -17.22 24.30 -2.35
CA ASP C 15 -17.87 25.64 -2.32
C ASP C 15 -18.84 25.79 -3.49
N ASN C 16 -19.94 25.05 -3.42
CA ASN C 16 -20.89 25.00 -4.52
C ASN C 16 -22.32 24.77 -4.02
N PRO C 17 -23.30 25.57 -4.46
CA PRO C 17 -23.16 26.75 -5.34
C PRO C 17 -22.50 27.93 -4.61
N SER C 18 -22.12 28.95 -5.37
CA SER C 18 -21.43 30.10 -4.80
C SER C 18 -21.66 31.34 -5.64
N PRO C 19 -21.39 32.58 -5.15
CA PRO C 19 -21.49 33.75 -6.02
C PRO C 19 -20.61 33.57 -7.26
N PHE C 20 -21.01 34.09 -8.42
CA PHE C 20 -20.25 33.95 -9.66
C PHE C 20 -18.77 34.28 -9.50
N TYR C 21 -18.46 35.33 -8.75
CA TYR C 21 -17.10 35.81 -8.56
C TYR C 21 -16.22 34.99 -7.64
N ASN C 22 -16.77 33.99 -6.95
CA ASN C 22 -15.96 33.14 -6.09
C ASN C 22 -15.06 32.28 -6.97
N PRO C 23 -13.79 32.06 -6.57
CA PRO C 23 -12.94 31.18 -7.37
C PRO C 23 -13.47 29.74 -7.37
N PHE C 24 -13.15 28.99 -8.43
CA PHE C 24 -13.50 27.59 -8.56
C PHE C 24 -12.62 26.79 -7.65
N GLN C 25 -13.17 25.74 -7.00
CA GLN C 25 -12.39 24.89 -6.13
C GLN C 25 -12.71 23.46 -6.43
N PHE C 26 -11.71 22.67 -6.79
CA PHE C 26 -11.90 21.26 -7.10
C PHE C 26 -10.89 20.44 -6.35
N GLU C 27 -11.32 19.47 -5.53
CA GLU C 27 -10.39 18.58 -4.84
C GLU C 27 -10.15 17.41 -5.79
N ILE C 28 -8.97 17.31 -6.33
CA ILE C 28 -8.61 16.24 -7.28
C ILE C 28 -7.78 15.11 -6.63
N THR C 29 -8.25 13.84 -6.75
CA THR C 29 -7.52 12.66 -6.28
C THR C 29 -7.08 11.90 -7.52
N PHE C 30 -5.81 11.50 -7.57
CA PHE C 30 -5.30 10.73 -8.69
C PHE C 30 -4.23 9.74 -8.25
N GLU C 31 -4.08 8.65 -8.99
CA GLU C 31 -3.11 7.61 -8.71
C GLU C 31 -2.02 7.60 -9.77
N CYS C 32 -0.81 7.28 -9.36
CA CYS C 32 0.32 7.29 -10.25
C CYS C 32 1.03 5.96 -10.20
N ILE C 33 0.98 5.19 -11.29
CA ILE C 33 1.52 3.84 -11.39
C ILE C 33 3.02 3.77 -11.10
N GLU C 34 3.77 4.64 -11.72
CA GLU C 34 5.21 4.69 -11.49
C GLU C 34 5.67 6.11 -11.27
N ASP C 35 6.91 6.28 -10.76
CA ASP C 35 7.49 7.60 -10.53
C ASP C 35 7.59 8.34 -11.88
N LEU C 36 7.16 9.60 -11.92
CA LEU C 36 7.23 10.41 -13.14
C LEU C 36 8.37 11.41 -13.01
N SER C 37 9.43 11.28 -13.82
CA SER C 37 10.53 12.25 -13.79
C SER C 37 10.18 13.56 -14.60
N GLU C 38 8.89 13.71 -14.98
CA GLU C 38 8.30 14.79 -15.77
C GLU C 38 7.10 15.45 -15.00
N ASP C 39 6.35 16.40 -15.62
CA ASP C 39 5.25 17.05 -14.90
C ASP C 39 3.89 16.82 -15.50
N LEU C 40 2.88 16.86 -14.65
CA LEU C 40 1.50 16.84 -15.08
C LEU C 40 1.11 18.32 -15.12
N GLU C 41 0.38 18.72 -16.15
CA GLU C 41 -0.10 20.09 -16.24
C GLU C 41 -1.62 20.11 -16.22
N TRP C 42 -2.17 20.60 -15.10
CA TRP C 42 -3.60 20.68 -14.88
C TRP C 42 -4.13 22.05 -15.33
N LYS C 43 -5.32 22.08 -15.93
CA LYS C 43 -5.90 23.34 -16.39
C LYS C 43 -7.39 23.38 -16.08
N ILE C 44 -7.90 24.58 -15.80
CA ILE C 44 -9.33 24.78 -15.59
C ILE C 44 -9.74 25.74 -16.70
N ILE C 45 -10.61 25.30 -17.61
CA ILE C 45 -11.04 26.13 -18.73
C ILE C 45 -12.54 26.40 -18.60
N TYR C 46 -12.95 27.64 -18.82
CA TYR C 46 -14.35 28.02 -18.73
C TYR C 46 -14.87 28.32 -20.12
N VAL C 47 -15.90 27.60 -20.57
CA VAL C 47 -16.47 27.84 -21.89
C VAL C 47 -17.44 29.01 -21.80
N GLY C 48 -16.93 30.21 -22.06
CA GLY C 48 -17.70 31.43 -21.98
C GLY C 48 -18.79 31.56 -23.01
N SER C 49 -18.53 31.11 -24.23
CA SER C 49 -19.53 31.16 -25.28
C SER C 49 -19.62 29.84 -25.96
N ALA C 50 -20.84 29.31 -26.06
CA ALA C 50 -21.06 28.05 -26.77
C ALA C 50 -20.88 28.28 -28.29
N GLU C 51 -21.30 29.46 -28.77
CA GLU C 51 -21.20 29.94 -30.16
C GLU C 51 -19.75 29.83 -30.68
N SER C 52 -18.75 30.23 -29.87
CA SER C 52 -17.36 30.14 -30.29
C SER C 52 -16.35 29.67 -29.22
N GLU C 53 -15.31 28.96 -29.69
CA GLU C 53 -14.21 28.49 -28.84
C GLU C 53 -13.23 29.62 -28.47
N GLU C 54 -13.32 30.82 -29.16
CA GLU C 54 -12.45 31.98 -28.87
C GLU C 54 -12.77 32.59 -27.50
N TYR C 55 -13.99 32.36 -26.95
CA TYR C 55 -14.37 32.89 -25.64
C TYR C 55 -14.14 31.91 -24.51
N ASP C 56 -13.33 30.87 -24.72
CA ASP C 56 -12.97 29.94 -23.66
C ASP C 56 -11.86 30.59 -22.88
N GLN C 57 -11.98 30.59 -21.57
CA GLN C 57 -10.98 31.20 -20.71
C GLN C 57 -10.22 30.18 -19.89
N VAL C 58 -8.88 30.14 -20.03
CA VAL C 58 -8.08 29.25 -19.19
C VAL C 58 -7.93 29.99 -17.87
N LEU C 59 -8.75 29.62 -16.86
CA LEU C 59 -8.78 30.28 -15.57
C LEU C 59 -7.50 30.11 -14.80
N ASP C 60 -6.83 28.97 -14.96
CA ASP C 60 -5.53 28.69 -14.34
C ASP C 60 -4.87 27.45 -14.93
N SER C 61 -3.54 27.42 -14.87
CA SER C 61 -2.72 26.31 -15.32
C SER C 61 -1.73 25.99 -14.20
N VAL C 62 -1.78 24.78 -13.69
CA VAL C 62 -0.95 24.34 -12.57
C VAL C 62 -0.01 23.21 -12.98
N LEU C 63 1.25 23.25 -12.52
CA LEU C 63 2.21 22.20 -12.79
C LEU C 63 2.37 21.37 -11.52
N VAL C 64 2.22 20.07 -11.65
CA VAL C 64 2.37 19.14 -10.54
C VAL C 64 3.50 18.17 -10.89
N GLY C 65 4.63 18.29 -10.20
CA GLY C 65 5.74 17.40 -10.48
C GLY C 65 6.99 17.59 -9.65
N PRO C 66 7.88 16.55 -9.59
CA PRO C 66 7.71 15.19 -10.12
C PRO C 66 6.70 14.41 -9.27
N VAL C 67 6.07 13.39 -9.85
CA VAL C 67 5.09 12.62 -9.11
C VAL C 67 5.62 11.28 -8.68
N PRO C 68 5.82 11.05 -7.36
CA PRO C 68 6.21 9.69 -6.92
C PRO C 68 5.03 8.73 -7.08
N ALA C 69 5.29 7.43 -7.26
CA ALA C 69 4.21 6.46 -7.42
C ALA C 69 3.33 6.42 -6.15
N GLY C 70 2.02 6.38 -6.34
CA GLY C 70 1.08 6.33 -5.21
C GLY C 70 -0.17 7.16 -5.43
N ARG C 71 -0.98 7.36 -4.37
CA ARG C 71 -2.17 8.20 -4.48
C ARG C 71 -1.89 9.62 -4.00
N HIS C 72 -2.31 10.61 -4.79
CA HIS C 72 -2.11 12.01 -4.48
C HIS C 72 -3.44 12.76 -4.52
N MET C 73 -3.50 13.82 -3.76
CA MET C 73 -4.71 14.59 -3.62
C MET C 73 -4.35 16.07 -3.53
N PHE C 74 -5.13 16.94 -4.17
CA PHE C 74 -4.86 18.39 -4.11
C PHE C 74 -6.09 19.20 -4.42
N VAL C 75 -6.12 20.47 -4.02
CA VAL C 75 -7.25 21.33 -4.35
C VAL C 75 -6.83 22.32 -5.43
N PHE C 76 -7.46 22.22 -6.60
CA PHE C 76 -7.20 23.11 -7.71
C PHE C 76 -8.15 24.24 -7.57
N GLN C 77 -7.59 25.42 -7.29
CA GLN C 77 -8.37 26.64 -7.18
C GLN C 77 -8.00 27.62 -8.32
N ALA C 78 -9.01 28.19 -8.99
CA ALA C 78 -8.76 29.13 -10.10
C ALA C 78 -9.76 30.30 -10.02
N ASP C 79 -9.32 31.54 -10.25
CA ASP C 79 -10.20 32.70 -10.18
C ASP C 79 -11.38 32.64 -11.15
N ALA C 80 -12.52 33.25 -10.78
CA ALA C 80 -13.70 33.25 -11.62
C ALA C 80 -13.43 33.88 -13.01
N PRO C 81 -14.19 33.50 -14.08
CA PRO C 81 -13.91 34.07 -15.41
C PRO C 81 -14.15 35.56 -15.50
N ASN C 82 -13.46 36.22 -16.44
CA ASN C 82 -13.61 37.65 -16.70
C ASN C 82 -14.95 37.90 -17.39
N PRO C 83 -15.89 38.58 -16.70
CA PRO C 83 -17.19 38.86 -17.32
C PRO C 83 -17.07 39.69 -18.60
N GLY C 84 -16.03 40.51 -18.68
CA GLY C 84 -15.75 41.34 -19.84
C GLY C 84 -15.62 40.56 -21.13
N LEU C 85 -15.27 39.27 -21.03
CA LEU C 85 -15.09 38.40 -22.19
C LEU C 85 -16.26 37.43 -22.40
N ILE C 86 -17.31 37.49 -21.56
CA ILE C 86 -18.46 36.59 -21.69
C ILE C 86 -19.54 37.32 -22.46
N PRO C 87 -19.94 36.83 -23.66
CA PRO C 87 -21.03 37.49 -24.40
C PRO C 87 -22.30 37.50 -23.55
N ASP C 88 -23.03 38.64 -23.51
CA ASP C 88 -24.24 38.80 -22.69
C ASP C 88 -25.23 37.63 -22.81
N ALA C 89 -25.47 37.17 -24.04
CA ALA C 89 -26.39 36.07 -24.32
C ALA C 89 -26.00 34.77 -23.66
N ASP C 90 -24.69 34.55 -23.45
CA ASP C 90 -24.19 33.32 -22.82
C ASP C 90 -23.89 33.46 -21.32
N ALA C 91 -24.15 34.61 -20.72
CA ALA C 91 -23.86 34.83 -19.30
C ALA C 91 -24.84 34.12 -18.32
N VAL C 92 -26.15 34.25 -18.54
CA VAL C 92 -27.13 33.65 -17.64
C VAL C 92 -27.67 32.40 -18.25
N GLY C 93 -27.50 31.29 -17.53
CA GLY C 93 -27.92 29.98 -17.99
C GLY C 93 -26.80 28.96 -17.87
N VAL C 94 -26.97 27.84 -18.56
CA VAL C 94 -26.02 26.73 -18.51
C VAL C 94 -24.84 26.90 -19.45
N THR C 95 -23.65 26.69 -18.92
CA THR C 95 -22.41 26.73 -19.66
C THR C 95 -21.54 25.50 -19.27
N VAL C 96 -20.22 25.45 -19.60
CA VAL C 96 -19.38 24.30 -19.25
C VAL C 96 -18.06 24.75 -18.63
N VAL C 97 -17.62 24.03 -17.59
CA VAL C 97 -16.30 24.20 -16.98
C VAL C 97 -15.55 22.86 -17.18
N LEU C 98 -14.27 22.94 -17.56
CA LEU C 98 -13.45 21.75 -17.83
C LEU C 98 -12.22 21.73 -16.95
N ILE C 99 -11.84 20.53 -16.50
CA ILE C 99 -10.59 20.31 -15.77
C ILE C 99 -9.78 19.35 -16.64
N THR C 100 -8.57 19.72 -17.09
CA THR C 100 -7.80 18.82 -17.96
C THR C 100 -6.39 18.58 -17.54
N CYS C 101 -5.98 17.32 -17.59
CA CYS C 101 -4.61 16.99 -17.28
C CYS C 101 -3.83 16.63 -18.51
N THR C 102 -2.57 17.06 -18.53
CA THR C 102 -1.70 16.92 -19.68
C THR C 102 -0.36 16.35 -19.25
N TYR C 103 0.15 15.37 -19.99
CA TYR C 103 1.45 14.77 -19.69
C TYR C 103 2.30 14.81 -20.93
N ARG C 104 3.45 15.52 -20.86
CA ARG C 104 4.37 15.68 -21.98
C ARG C 104 3.70 16.33 -23.17
N GLY C 105 2.89 17.33 -22.90
CA GLY C 105 2.21 18.08 -23.94
C GLY C 105 1.01 17.40 -24.56
N GLN C 106 0.55 16.29 -23.97
CA GLN C 106 -0.61 15.58 -24.52
C GLN C 106 -1.67 15.46 -23.46
N GLU C 107 -2.86 16.01 -23.72
CA GLU C 107 -3.96 15.92 -22.76
C GLU C 107 -4.48 14.50 -22.75
N PHE C 108 -4.56 13.88 -21.56
CA PHE C 108 -5.03 12.49 -21.45
C PHE C 108 -6.37 12.34 -20.76
N ILE C 109 -6.87 13.38 -20.11
CA ILE C 109 -8.12 13.34 -19.38
C ILE C 109 -8.78 14.72 -19.44
N ARG C 110 -10.11 14.74 -19.44
CA ARG C 110 -10.87 15.98 -19.45
C ARG C 110 -12.16 15.76 -18.69
N VAL C 111 -12.34 16.44 -17.56
CA VAL C 111 -13.55 16.32 -16.76
C VAL C 111 -14.40 17.53 -16.95
N GLY C 112 -15.54 17.37 -17.58
CA GLY C 112 -16.44 18.48 -17.86
C GLY C 112 -17.64 18.50 -16.96
N TYR C 113 -18.08 19.71 -16.62
CA TYR C 113 -19.24 19.92 -15.75
C TYR C 113 -20.17 21.00 -16.36
N TYR C 114 -21.50 20.77 -16.33
CA TYR C 114 -22.43 21.82 -16.73
C TYR C 114 -22.48 22.79 -15.56
N VAL C 115 -22.52 24.13 -15.85
CA VAL C 115 -22.51 25.14 -14.82
C VAL C 115 -23.67 26.06 -15.01
N ASN C 116 -24.61 26.07 -14.07
CA ASN C 116 -25.81 26.91 -14.22
C ASN C 116 -25.70 28.24 -13.45
N ASN C 117 -25.61 29.35 -14.17
CA ASN C 117 -25.55 30.67 -13.57
C ASN C 117 -26.96 31.29 -13.58
N GLU C 118 -27.51 31.53 -12.39
CA GLU C 118 -28.85 32.06 -12.22
C GLU C 118 -28.90 33.20 -11.20
N TYR C 119 -29.89 34.11 -11.30
CA TYR C 119 -30.06 35.14 -10.29
C TYR C 119 -30.71 34.49 -9.06
N THR C 120 -30.44 35.02 -7.87
CA THR C 120 -31.02 34.49 -6.64
C THR C 120 -32.22 35.32 -6.17
N GLU C 121 -32.25 36.62 -6.48
CA GLU C 121 -33.32 37.53 -6.09
C GLU C 121 -34.56 37.34 -6.96
N THR C 122 -35.74 37.27 -6.36
CA THR C 122 -37.02 37.08 -7.06
C THR C 122 -37.27 38.14 -8.15
N GLU C 123 -36.93 39.39 -7.84
CA GLU C 123 -37.06 40.54 -8.74
C GLU C 123 -36.26 40.29 -9.99
N LEU C 124 -35.01 39.78 -9.84
CA LEU C 124 -34.12 39.50 -10.95
C LEU C 124 -34.45 38.25 -11.69
N ARG C 125 -35.00 37.26 -11.01
CA ARG C 125 -35.40 36.02 -11.64
C ARG C 125 -36.62 36.23 -12.55
N GLU C 126 -37.53 37.15 -12.17
CA GLU C 126 -38.71 37.43 -12.97
C GLU C 126 -38.42 38.47 -14.04
N ASN C 127 -37.60 39.47 -13.70
CA ASN C 127 -37.28 40.55 -14.63
C ASN C 127 -35.75 40.72 -14.70
N PRO C 128 -35.05 39.82 -15.44
CA PRO C 128 -33.60 39.95 -15.56
C PRO C 128 -33.15 41.17 -16.35
N PRO C 129 -32.02 41.78 -15.98
CA PRO C 129 -31.54 42.95 -16.71
C PRO C 129 -31.02 42.58 -18.11
N VAL C 130 -31.09 43.56 -19.00
CA VAL C 130 -30.62 43.45 -20.38
C VAL C 130 -29.11 43.19 -20.37
N LYS C 131 -28.38 43.91 -19.52
CA LYS C 131 -26.97 43.67 -19.32
C LYS C 131 -26.85 42.80 -18.06
N PRO C 132 -26.22 41.62 -18.16
CA PRO C 132 -26.14 40.74 -16.99
C PRO C 132 -25.37 41.33 -15.81
N ASP C 133 -25.95 41.19 -14.59
CA ASP C 133 -25.31 41.68 -13.37
C ASP C 133 -24.60 40.53 -12.74
N PHE C 134 -23.30 40.43 -12.99
CA PHE C 134 -22.50 39.32 -12.48
C PHE C 134 -22.33 39.33 -10.98
N SER C 135 -22.48 40.48 -10.33
CA SER C 135 -22.41 40.55 -8.88
C SER C 135 -23.69 40.02 -8.21
N LYS C 136 -24.75 39.75 -8.98
CA LYS C 136 -25.98 39.18 -8.44
C LYS C 136 -26.24 37.74 -8.94
N LEU C 137 -25.29 37.14 -9.71
CA LEU C 137 -25.41 35.81 -10.30
C LEU C 137 -24.80 34.73 -9.42
N GLN C 138 -25.48 33.59 -9.29
CA GLN C 138 -25.00 32.48 -8.51
C GLN C 138 -24.59 31.35 -9.40
N ARG C 139 -23.36 30.88 -9.22
CA ARG C 139 -22.81 29.79 -9.99
C ARG C 139 -23.09 28.46 -9.33
N ASN C 140 -23.78 27.58 -10.08
CA ASN C 140 -24.06 26.26 -9.57
C ASN C 140 -23.51 25.19 -10.52
N ILE C 141 -22.33 24.62 -10.20
CA ILE C 141 -21.69 23.56 -10.99
C ILE C 141 -22.45 22.31 -10.74
N LEU C 142 -23.00 21.69 -11.79
CA LEU C 142 -23.83 20.49 -11.63
C LEU C 142 -22.90 19.26 -11.41
N ALA C 143 -22.35 19.21 -10.20
CA ALA C 143 -21.33 18.32 -9.74
C ALA C 143 -21.72 16.85 -9.69
N SER C 144 -23.01 16.55 -9.56
CA SER C 144 -23.44 15.16 -9.51
C SER C 144 -23.40 14.46 -10.86
N ASN C 145 -23.01 15.15 -11.93
CA ASN C 145 -22.99 14.53 -13.25
C ASN C 145 -21.83 15.01 -14.11
N PRO C 146 -20.59 14.62 -13.78
CA PRO C 146 -19.45 15.02 -14.61
C PRO C 146 -19.31 14.13 -15.83
N ARG C 147 -18.64 14.66 -16.87
CA ARG C 147 -18.40 13.89 -18.07
C ARG C 147 -16.91 13.71 -18.20
N VAL C 148 -16.45 12.47 -18.02
CA VAL C 148 -15.03 12.19 -18.07
C VAL C 148 -14.65 11.63 -19.45
N THR C 149 -13.61 12.20 -20.07
CA THR C 149 -13.16 11.76 -21.38
C THR C 149 -11.68 11.50 -21.33
N ARG C 150 -11.27 10.29 -21.67
CA ARG C 150 -9.87 9.91 -21.69
C ARG C 150 -9.35 9.89 -23.12
N PHE C 151 -8.06 10.21 -23.29
CA PHE C 151 -7.46 10.27 -24.62
C PHE C 151 -6.27 9.35 -24.69
N HIS C 152 -6.09 8.71 -25.83
CA HIS C 152 -4.98 7.79 -26.05
C HIS C 152 -3.72 8.62 -26.28
N ILE C 153 -2.75 8.55 -25.36
CA ILE C 153 -1.54 9.37 -25.46
C ILE C 153 -0.27 8.52 -25.38
N ASN C 154 0.88 9.07 -25.76
CA ASN C 154 2.18 8.38 -25.71
C ASN C 154 2.79 8.51 -24.32
N TRP C 155 2.70 7.44 -23.50
CA TRP C 155 3.27 7.44 -22.16
C TRP C 155 4.74 6.93 -22.17
N GLU C 156 5.44 6.92 -23.33
CA GLU C 156 6.81 6.47 -23.53
C GLU C 156 6.77 4.98 -23.83
N MET D 3 0.79 2.63 22.36
CA MET D 3 -0.63 2.70 22.73
C MET D 3 -1.43 3.77 21.95
N ALA D 4 -0.74 4.59 21.16
CA ALA D 4 -1.40 5.62 20.38
C ALA D 4 -2.21 5.02 19.23
N LYS D 5 -3.47 5.46 19.12
CA LYS D 5 -4.37 4.97 18.08
C LYS D 5 -4.17 5.64 16.71
N VAL D 6 -3.55 6.82 16.68
CA VAL D 6 -3.36 7.56 15.44
C VAL D 6 -1.89 7.88 15.21
N GLN D 7 -1.43 7.77 13.97
CA GLN D 7 -0.07 8.07 13.60
C GLN D 7 -0.12 8.89 12.33
N VAL D 8 0.52 10.07 12.30
CA VAL D 8 0.54 10.88 11.08
C VAL D 8 1.71 10.43 10.24
N ASN D 9 1.43 9.88 9.06
CA ASN D 9 2.48 9.35 8.20
C ASN D 9 3.19 10.39 7.37
N ASN D 10 2.42 11.31 6.75
CA ASN D 10 3.01 12.32 5.88
C ASN D 10 2.18 13.59 5.83
N VAL D 11 2.83 14.74 5.59
CA VAL D 11 2.19 16.04 5.37
C VAL D 11 2.92 16.64 4.16
N VAL D 12 2.18 16.91 3.10
CA VAL D 12 2.75 17.47 1.88
C VAL D 12 2.28 18.92 1.73
N VAL D 13 3.23 19.89 1.67
CA VAL D 13 2.85 21.29 1.53
C VAL D 13 2.53 21.62 0.07
N LEU D 14 1.28 22.00 -0.18
CA LEU D 14 0.84 22.27 -1.53
C LEU D 14 0.73 23.75 -1.83
N ASP D 15 0.82 24.07 -3.14
CA ASP D 15 0.78 25.42 -3.70
C ASP D 15 1.79 26.27 -2.96
N ASN D 16 3.07 25.99 -3.18
CA ASN D 16 4.12 26.64 -2.42
C ASN D 16 5.37 26.84 -3.25
N PRO D 17 5.96 28.06 -3.27
CA PRO D 17 5.47 29.29 -2.64
C PRO D 17 4.23 29.85 -3.36
N SER D 18 3.57 30.81 -2.74
CA SER D 18 2.35 31.38 -3.31
C SER D 18 2.12 32.81 -2.79
N PRO D 19 1.26 33.62 -3.42
CA PRO D 19 0.95 34.94 -2.85
C PRO D 19 0.46 34.80 -1.41
N PHE D 20 0.78 35.77 -0.53
CA PHE D 20 0.39 35.71 0.88
C PHE D 20 -1.07 35.35 1.10
N TYR D 21 -1.96 35.93 0.27
CA TYR D 21 -3.41 35.75 0.37
C TYR D 21 -3.94 34.39 -0.08
N ASN D 22 -3.12 33.54 -0.71
CA ASN D 22 -3.58 32.21 -1.11
C ASN D 22 -3.83 31.35 0.13
N PRO D 23 -4.90 30.55 0.14
CA PRO D 23 -5.11 29.66 1.29
C PRO D 23 -3.99 28.62 1.41
N PHE D 24 -3.76 28.15 2.64
CA PHE D 24 -2.79 27.09 2.94
C PHE D 24 -3.37 25.76 2.48
N GLN D 25 -2.54 24.87 1.94
CA GLN D 25 -3.00 23.55 1.51
C GLN D 25 -2.00 22.52 1.97
N PHE D 26 -2.48 21.53 2.73
CA PHE D 26 -1.62 20.47 3.20
C PHE D 26 -2.29 19.15 2.92
N GLU D 27 -1.62 18.27 2.19
CA GLU D 27 -2.15 16.93 1.97
C GLU D 27 -1.65 16.07 3.14
N ILE D 28 -2.56 15.68 4.03
CA ILE D 28 -2.24 14.88 5.21
C ILE D 28 -2.57 13.41 5.00
N THR D 29 -1.64 12.52 5.36
CA THR D 29 -1.85 11.09 5.37
C THR D 29 -1.65 10.65 6.81
N PHE D 30 -2.57 9.83 7.32
CA PHE D 30 -2.45 9.30 8.67
C PHE D 30 -3.00 7.89 8.78
N GLU D 31 -2.51 7.12 9.75
CA GLU D 31 -2.93 5.76 10.00
C GLU D 31 -3.74 5.65 11.27
N CYS D 32 -4.69 4.74 11.27
CA CYS D 32 -5.55 4.53 12.39
C CYS D 32 -5.52 3.05 12.81
N ILE D 33 -5.01 2.76 14.02
CA ILE D 33 -4.91 1.38 14.54
C ILE D 33 -6.25 0.68 14.73
N GLU D 34 -7.18 1.35 15.39
CA GLU D 34 -8.51 0.81 15.65
C GLU D 34 -9.55 1.71 15.03
N ASP D 35 -10.83 1.30 15.11
CA ASP D 35 -11.91 2.20 14.76
C ASP D 35 -11.96 3.23 15.89
N LEU D 36 -12.10 4.52 15.54
CA LEU D 36 -12.15 5.55 16.53
C LEU D 36 -13.57 5.90 16.91
N SER D 37 -13.82 5.90 18.22
CA SER D 37 -15.11 6.20 18.83
C SER D 37 -15.40 7.70 18.71
N GLU D 38 -14.38 8.53 19.00
CA GLU D 38 -14.49 9.99 18.95
C GLU D 38 -13.84 10.55 17.65
N ASP D 39 -14.05 11.86 17.40
CA ASP D 39 -13.52 12.54 16.23
C ASP D 39 -12.11 13.03 16.44
N LEU D 40 -11.39 13.21 15.32
CA LEU D 40 -10.07 13.79 15.29
C LEU D 40 -10.28 15.26 14.93
N GLU D 41 -9.74 16.21 15.70
CA GLU D 41 -9.89 17.63 15.39
C GLU D 41 -8.59 18.22 14.90
N TRP D 42 -8.54 18.52 13.60
CA TRP D 42 -7.36 19.09 12.97
C TRP D 42 -7.42 20.63 12.98
N LYS D 43 -6.28 21.29 13.21
CA LYS D 43 -6.23 22.74 13.23
C LYS D 43 -5.00 23.25 12.50
N ILE D 44 -5.11 24.41 11.85
CA ILE D 44 -4.00 25.09 11.20
C ILE D 44 -3.87 26.41 11.96
N ILE D 45 -2.75 26.63 12.64
CA ILE D 45 -2.55 27.81 13.42
C ILE D 45 -1.37 28.59 12.84
N TYR D 46 -1.53 29.93 12.69
CA TYR D 46 -0.51 30.82 12.16
C TYR D 46 0.05 31.67 13.28
N VAL D 47 1.35 31.64 13.51
CA VAL D 47 1.97 32.44 14.58
C VAL D 47 2.28 33.82 14.05
N GLY D 48 1.32 34.72 14.15
CA GLY D 48 1.40 36.08 13.64
C GLY D 48 2.48 36.94 14.26
N SER D 49 2.74 36.75 15.56
CA SER D 49 3.76 37.52 16.26
C SER D 49 4.59 36.60 17.12
N ALA D 50 5.91 36.71 16.99
CA ALA D 50 6.83 35.94 17.84
C ALA D 50 6.79 36.50 19.27
N GLU D 51 6.68 37.83 19.38
CA GLU D 51 6.57 38.60 20.62
C GLU D 51 5.43 38.10 21.54
N SER D 52 4.25 37.72 20.99
CA SER D 52 3.13 37.26 21.81
C SER D 52 2.25 36.13 21.23
N GLU D 53 1.91 35.10 22.04
CA GLU D 53 0.98 34.03 21.62
C GLU D 53 -0.46 34.56 21.37
N GLU D 54 -0.75 35.82 21.77
CA GLU D 54 -2.06 36.44 21.56
C GLU D 54 -2.33 36.73 20.07
N TYR D 55 -1.28 36.82 19.23
CA TYR D 55 -1.46 37.05 17.80
C TYR D 55 -1.43 35.77 16.96
N ASP D 56 -1.62 34.60 17.59
CA ASP D 56 -1.71 33.34 16.87
C ASP D 56 -3.11 33.25 16.33
N GLN D 57 -3.25 32.89 15.07
CA GLN D 57 -4.54 32.79 14.43
C GLN D 57 -4.88 31.38 14.03
N VAL D 58 -6.00 30.84 14.53
CA VAL D 58 -6.45 29.51 14.12
C VAL D 58 -7.15 29.71 12.79
N LEU D 59 -6.45 29.47 11.68
CA LEU D 59 -6.97 29.69 10.32
C LEU D 59 -8.14 28.80 9.98
N ASP D 60 -8.19 27.59 10.55
CA ASP D 60 -9.30 26.66 10.37
C ASP D 60 -9.22 25.50 11.34
N SER D 61 -10.39 24.94 11.68
CA SER D 61 -10.51 23.82 12.57
C SER D 61 -11.46 22.85 11.89
N VAL D 62 -10.99 21.64 11.63
CA VAL D 62 -11.77 20.62 10.93
C VAL D 62 -12.02 19.40 11.82
N LEU D 63 -13.25 18.85 11.78
CA LEU D 63 -13.56 17.64 12.52
C LEU D 63 -13.58 16.49 11.53
N VAL D 64 -12.80 15.45 11.79
CA VAL D 64 -12.70 14.26 10.94
C VAL D 64 -13.22 13.09 11.75
N GLY D 65 -14.36 12.56 11.37
CA GLY D 65 -14.94 11.44 12.09
C GLY D 65 -16.29 10.96 11.57
N PRO D 66 -16.66 9.69 11.86
CA PRO D 66 -15.89 8.67 12.58
C PRO D 66 -14.75 8.15 11.72
N VAL D 67 -13.68 7.68 12.38
CA VAL D 67 -12.51 7.20 11.67
C VAL D 67 -12.40 5.69 11.74
N PRO D 68 -12.56 5.00 10.60
CA PRO D 68 -12.38 3.55 10.60
C PRO D 68 -10.88 3.19 10.63
N ALA D 69 -10.54 1.98 11.10
CA ALA D 69 -9.13 1.56 11.15
C ALA D 69 -8.56 1.50 9.73
N GLY D 70 -7.33 1.97 9.58
CA GLY D 70 -6.66 1.98 8.28
C GLY D 70 -6.00 3.30 7.92
N ARG D 71 -5.44 3.38 6.71
CA ARG D 71 -4.76 4.59 6.28
C ARG D 71 -5.72 5.52 5.60
N HIS D 72 -5.66 6.81 5.95
CA HIS D 72 -6.53 7.86 5.40
C HIS D 72 -5.73 9.02 4.86
N MET D 73 -6.31 9.73 3.91
CA MET D 73 -5.66 10.86 3.29
C MET D 73 -6.66 11.97 3.01
N PHE D 74 -6.26 13.24 3.24
CA PHE D 74 -7.12 14.39 2.97
C PHE D 74 -6.32 15.65 2.77
N VAL D 75 -6.94 16.67 2.14
CA VAL D 75 -6.27 17.93 1.96
C VAL D 75 -6.88 18.95 2.91
N PHE D 76 -6.08 19.37 3.91
CA PHE D 76 -6.50 20.37 4.86
C PHE D 76 -6.18 21.73 4.25
N GLN D 77 -7.22 22.49 3.92
CA GLN D 77 -7.09 23.82 3.34
C GLN D 77 -7.63 24.87 4.34
N ALA D 78 -6.93 26.00 4.49
CA ALA D 78 -7.37 27.04 5.41
C ALA D 78 -7.03 28.42 4.83
N ASP D 79 -7.93 29.40 4.94
CA ASP D 79 -7.71 30.74 4.40
C ASP D 79 -6.49 31.42 4.99
N ALA D 80 -5.85 32.30 4.23
CA ALA D 80 -4.66 33.03 4.69
C ALA D 80 -4.95 33.87 5.95
N PRO D 81 -3.94 34.13 6.80
CA PRO D 81 -4.21 34.91 8.04
C PRO D 81 -4.66 36.33 7.78
N ASN D 82 -5.38 36.90 8.74
CA ASN D 82 -5.88 38.27 8.66
C ASN D 82 -4.71 39.24 8.88
N PRO D 83 -4.33 40.02 7.84
CA PRO D 83 -3.25 40.98 8.01
C PRO D 83 -3.54 42.04 9.08
N GLY D 84 -4.81 42.32 9.32
CA GLY D 84 -5.25 43.25 10.35
C GLY D 84 -4.81 42.86 11.75
N LEU D 85 -4.47 41.60 11.98
CA LEU D 85 -4.00 41.09 13.27
C LEU D 85 -2.49 40.79 13.32
N ILE D 86 -1.77 41.09 12.24
CA ILE D 86 -0.35 40.84 12.14
C ILE D 86 0.41 42.12 12.42
N PRO D 87 1.17 42.19 13.54
CA PRO D 87 1.95 43.41 13.81
C PRO D 87 2.94 43.69 12.66
N ASP D 88 3.03 44.94 12.18
CA ASP D 88 3.90 45.34 11.06
C ASP D 88 5.31 44.77 11.16
N ALA D 89 5.93 44.82 12.35
CA ALA D 89 7.28 44.33 12.56
C ALA D 89 7.43 42.83 12.28
N ASP D 90 6.35 42.06 12.47
CA ASP D 90 6.38 40.61 12.26
C ASP D 90 5.80 40.18 10.90
N ALA D 91 5.43 41.13 10.02
CA ALA D 91 4.84 40.79 8.73
C ALA D 91 5.82 40.28 7.69
N VAL D 92 6.96 40.95 7.50
CA VAL D 92 7.94 40.54 6.49
C VAL D 92 9.09 39.83 7.16
N GLY D 93 9.31 38.60 6.75
CA GLY D 93 10.33 37.75 7.30
C GLY D 93 9.78 36.40 7.70
N VAL D 94 10.54 35.68 8.53
CA VAL D 94 10.20 34.34 8.95
C VAL D 94 9.23 34.31 10.13
N THR D 95 8.19 33.49 9.99
CA THR D 95 7.20 33.21 11.02
C THR D 95 6.92 31.67 11.07
N VAL D 96 5.88 31.19 11.79
CA VAL D 96 5.63 29.77 11.91
C VAL D 96 4.18 29.43 11.60
N VAL D 97 3.94 28.30 10.91
CA VAL D 97 2.61 27.76 10.69
C VAL D 97 2.61 26.34 11.34
N LEU D 98 1.51 25.99 12.03
CA LEU D 98 1.37 24.71 12.72
C LEU D 98 0.16 23.96 12.24
N ILE D 99 0.25 22.61 12.19
CA ILE D 99 -0.86 21.70 11.91
C ILE D 99 -0.97 20.84 13.16
N THR D 100 -2.10 20.89 13.88
CA THR D 100 -2.22 20.11 15.12
C THR D 100 -3.42 19.18 15.14
N CYS D 101 -3.23 17.92 15.59
CA CYS D 101 -4.36 17.03 15.74
C CYS D 101 -4.61 16.72 17.19
N THR D 102 -5.91 16.68 17.56
CA THR D 102 -6.41 16.51 18.91
C THR D 102 -7.42 15.39 18.98
N TYR D 103 -7.27 14.49 19.95
CA TYR D 103 -8.22 13.40 20.14
C TYR D 103 -8.76 13.51 21.55
N ARG D 104 -10.08 13.69 21.68
CA ARG D 104 -10.77 13.83 22.96
C ARG D 104 -10.28 15.02 23.80
N GLY D 105 -10.11 16.15 23.14
CA GLY D 105 -9.66 17.37 23.80
C GLY D 105 -8.18 17.44 24.13
N GLN D 106 -7.40 16.47 23.63
CA GLN D 106 -5.96 16.45 23.90
C GLN D 106 -5.19 16.44 22.60
N GLU D 107 -4.32 17.42 22.40
CA GLU D 107 -3.48 17.49 21.20
C GLU D 107 -2.39 16.45 21.33
N PHE D 108 -2.24 15.58 20.32
CA PHE D 108 -1.23 14.53 20.37
C PHE D 108 -0.09 14.70 19.37
N ILE D 109 -0.23 15.59 18.41
CA ILE D 109 0.77 15.82 17.38
C ILE D 109 0.71 17.30 16.99
N ARG D 110 1.87 17.84 16.61
CA ARG D 110 1.98 19.24 16.15
C ARG D 110 3.09 19.31 15.10
N VAL D 111 2.74 19.62 13.86
CA VAL D 111 3.73 19.71 12.78
C VAL D 111 3.96 21.17 12.48
N GLY D 112 5.15 21.67 12.79
CA GLY D 112 5.48 23.07 12.59
C GLY D 112 6.37 23.29 11.40
N TYR D 113 6.17 24.42 10.72
CA TYR D 113 6.93 24.80 9.53
C TYR D 113 7.32 26.31 9.61
N TYR D 114 8.56 26.64 9.25
CA TYR D 114 8.96 28.04 9.17
C TYR D 114 8.38 28.57 7.88
N VAL D 115 7.84 29.80 7.91
CA VAL D 115 7.21 30.41 6.75
C VAL D 115 7.92 31.70 6.47
N ASN D 116 8.48 31.87 5.28
CA ASN D 116 9.20 33.10 4.97
C ASN D 116 8.37 33.98 4.04
N ASN D 117 7.92 35.16 4.52
CA ASN D 117 7.17 36.10 3.70
C ASN D 117 8.12 37.19 3.16
N GLU D 118 8.26 37.25 1.84
CA GLU D 118 9.19 38.17 1.19
C GLU D 118 8.55 38.88 -0.01
N TYR D 119 9.05 40.07 -0.38
CA TYR D 119 8.56 40.74 -1.58
C TYR D 119 9.21 40.06 -2.79
N THR D 120 8.55 40.08 -3.92
CA THR D 120 9.08 39.47 -5.14
C THR D 120 9.70 40.50 -6.09
N GLU D 121 9.22 41.74 -6.05
CA GLU D 121 9.70 42.83 -6.90
C GLU D 121 11.01 43.38 -6.38
N THR D 122 11.98 43.60 -7.27
CA THR D 122 13.30 44.14 -6.93
C THR D 122 13.24 45.49 -6.18
N GLU D 123 12.32 46.35 -6.60
CA GLU D 123 12.08 47.66 -6.03
C GLU D 123 11.69 47.56 -4.55
N LEU D 124 10.78 46.65 -4.23
CA LEU D 124 10.33 46.44 -2.85
C LEU D 124 11.34 45.66 -2.02
N ARG D 125 12.08 44.74 -2.65
CA ARG D 125 13.11 43.98 -1.95
C ARG D 125 14.25 44.90 -1.49
N GLU D 126 14.57 45.94 -2.28
CA GLU D 126 15.63 46.87 -1.93
C GLU D 126 15.13 47.96 -1.02
N ASN D 127 13.91 48.46 -1.29
CA ASN D 127 13.33 49.54 -0.51
C ASN D 127 11.92 49.15 -0.05
N PRO D 128 11.81 48.33 1.02
CA PRO D 128 10.49 47.93 1.51
C PRO D 128 9.68 49.07 2.16
N PRO D 129 8.34 49.01 2.04
CA PRO D 129 7.50 50.05 2.64
C PRO D 129 7.42 49.97 4.16
N VAL D 130 7.15 51.10 4.77
CA VAL D 130 7.01 51.22 6.23
C VAL D 130 5.80 50.37 6.69
N LYS D 131 4.72 50.41 5.93
CA LYS D 131 3.54 49.61 6.17
C LYS D 131 3.65 48.45 5.21
N PRO D 132 3.64 47.20 5.71
CA PRO D 132 3.80 46.06 4.79
C PRO D 132 2.67 45.91 3.79
N ASP D 133 3.03 45.66 2.52
CA ASP D 133 2.04 45.47 1.48
C ASP D 133 1.83 43.96 1.33
N PHE D 134 0.77 43.45 1.96
CA PHE D 134 0.44 42.03 1.91
C PHE D 134 0.03 41.54 0.53
N SER D 135 -0.46 42.41 -0.33
CA SER D 135 -0.81 42.04 -1.70
C SER D 135 0.43 41.87 -2.60
N LYS D 136 1.62 42.29 -2.12
CA LYS D 136 2.85 42.12 -2.87
C LYS D 136 3.82 41.13 -2.22
N LEU D 137 3.38 40.45 -1.14
CA LEU D 137 4.17 39.50 -0.38
C LEU D 137 3.99 38.09 -0.90
N GLN D 138 5.07 37.32 -0.90
CA GLN D 138 5.03 35.93 -1.30
C GLN D 138 5.34 35.08 -0.11
N ARG D 139 4.42 34.17 0.20
CA ARG D 139 4.58 33.25 1.31
C ARG D 139 5.31 32.00 0.84
N ASN D 140 6.44 31.69 1.48
CA ASN D 140 7.21 30.49 1.16
C ASN D 140 7.39 29.60 2.39
N ILE D 141 6.58 28.56 2.50
CA ILE D 141 6.67 27.61 3.60
C ILE D 141 7.89 26.75 3.39
N LEU D 142 8.77 26.69 4.38
CA LEU D 142 10.00 25.91 4.27
C LEU D 142 9.68 24.43 4.60
N ALA D 143 9.02 23.79 3.62
CA ALA D 143 8.47 22.44 3.62
C ALA D 143 9.47 21.33 3.77
N SER D 144 10.72 21.55 3.33
CA SER D 144 11.74 20.52 3.45
C SER D 144 12.24 20.31 4.88
N ASN D 145 11.74 21.05 5.86
CA ASN D 145 12.21 20.91 7.21
C ASN D 145 11.11 21.10 8.26
N PRO D 146 10.15 20.17 8.35
CA PRO D 146 9.12 20.29 9.38
C PRO D 146 9.61 19.82 10.75
N ARG D 147 8.97 20.31 11.81
CA ARG D 147 9.31 19.92 13.17
C ARG D 147 8.11 19.23 13.73
N VAL D 148 8.23 17.92 13.93
CA VAL D 148 7.13 17.13 14.45
C VAL D 148 7.27 16.96 15.96
N THR D 149 6.20 17.25 16.70
CA THR D 149 6.23 17.10 18.15
C THR D 149 5.04 16.28 18.58
N ARG D 150 5.29 15.16 19.25
CA ARG D 150 4.25 14.27 19.73
C ARG D 150 4.05 14.48 21.21
N PHE D 151 2.81 14.31 21.66
CA PHE D 151 2.48 14.50 23.07
C PHE D 151 1.87 13.23 23.63
N HIS D 152 2.18 12.95 24.91
CA HIS D 152 1.62 11.77 25.56
C HIS D 152 0.20 12.10 25.97
N ILE D 153 -0.78 11.44 25.35
CA ILE D 153 -2.19 11.69 25.66
C ILE D 153 -2.87 10.41 26.16
N ASN D 154 -4.06 10.56 26.77
CA ASN D 154 -4.84 9.44 27.24
C ASN D 154 -5.66 8.88 26.09
N TRP D 155 -5.23 7.76 25.51
CA TRP D 155 -5.98 7.08 24.46
C TRP D 155 -6.92 6.01 25.10
N GLU D 156 -7.27 6.20 26.42
CA GLU D 156 -8.03 5.36 27.35
C GLU D 156 -7.35 4.00 27.55
N MET E 3 31.41 -28.39 16.49
CA MET E 3 32.61 -28.86 15.78
C MET E 3 33.53 -27.67 15.39
N ALA E 4 33.48 -26.59 16.17
CA ALA E 4 34.20 -25.35 15.98
C ALA E 4 35.68 -25.49 16.38
N LYS E 5 36.57 -24.92 15.56
CA LYS E 5 38.01 -24.97 15.80
C LYS E 5 38.50 -23.89 16.78
N VAL E 6 37.71 -22.83 16.98
CA VAL E 6 38.11 -21.73 17.88
C VAL E 6 37.06 -21.54 18.96
N GLN E 7 37.51 -21.33 20.19
CA GLN E 7 36.64 -21.10 21.32
C GLN E 7 37.17 -19.87 22.04
N VAL E 8 36.34 -18.85 22.27
CA VAL E 8 36.79 -17.67 22.99
C VAL E 8 36.55 -17.93 24.46
N ASN E 9 37.61 -17.99 25.26
CA ASN E 9 37.48 -18.30 26.68
C ASN E 9 37.09 -17.10 27.53
N ASN E 10 37.72 -15.95 27.31
CA ASN E 10 37.44 -14.77 28.10
C ASN E 10 37.78 -13.48 27.34
N VAL E 11 37.11 -12.39 27.69
CA VAL E 11 37.38 -11.05 27.16
C VAL E 11 37.40 -10.15 28.38
N VAL E 12 38.53 -9.50 28.64
CA VAL E 12 38.67 -8.65 29.81
C VAL E 12 38.71 -7.19 29.37
N VAL E 13 37.77 -6.38 29.86
CA VAL E 13 37.73 -4.98 29.49
C VAL E 13 38.77 -4.21 30.32
N LEU E 14 39.83 -3.73 29.67
CA LEU E 14 40.91 -3.00 30.35
C LEU E 14 40.66 -1.50 30.29
N ASP E 15 41.27 -0.73 31.24
CA ASP E 15 41.12 0.72 31.33
C ASP E 15 39.63 1.12 31.31
N ASN E 16 38.92 0.80 32.40
CA ASN E 16 37.50 1.02 32.46
C ASN E 16 36.99 1.33 33.86
N PRO E 17 36.18 2.39 34.04
CA PRO E 17 35.79 3.40 33.03
C PRO E 17 36.96 4.31 32.64
N SER E 18 36.76 5.10 31.58
CA SER E 18 37.81 5.97 31.08
C SER E 18 37.24 7.17 30.35
N PRO E 19 38.03 8.23 30.08
CA PRO E 19 37.50 9.34 29.25
C PRO E 19 37.02 8.81 27.90
N PHE E 20 35.97 9.40 27.33
CA PHE E 20 35.41 8.97 26.05
C PHE E 20 36.48 8.76 24.96
N TYR E 21 37.45 9.67 24.90
CA TYR E 21 38.47 9.65 23.87
C TYR E 21 39.56 8.58 24.02
N ASN E 22 39.60 7.87 25.16
CA ASN E 22 40.58 6.81 25.34
C ASN E 22 40.27 5.64 24.41
N PRO E 23 41.30 5.02 23.79
CA PRO E 23 41.02 3.85 22.94
C PRO E 23 40.47 2.69 23.75
N PHE E 24 39.71 1.82 23.10
CA PHE E 24 39.14 0.63 23.71
C PHE E 24 40.26 -0.40 23.87
N GLN E 25 40.27 -1.12 24.98
CA GLN E 25 41.29 -2.14 25.24
C GLN E 25 40.63 -3.40 25.74
N PHE E 26 40.80 -4.51 25.03
CA PHE E 26 40.20 -5.76 25.44
C PHE E 26 41.27 -6.83 25.45
N GLU E 27 41.39 -7.56 26.56
CA GLU E 27 42.32 -8.67 26.73
C GLU E 27 41.60 -9.97 26.33
N ILE E 28 41.68 -10.34 25.06
CA ILE E 28 41.02 -11.53 24.56
C ILE E 28 41.87 -12.80 24.72
N THR E 29 41.29 -13.84 25.37
CA THR E 29 41.90 -15.15 25.57
C THR E 29 41.09 -16.15 24.80
N PHE E 30 41.70 -16.92 23.93
CA PHE E 30 40.98 -17.92 23.15
C PHE E 30 41.75 -19.24 23.02
N GLU E 31 41.07 -20.30 22.59
CA GLU E 31 41.67 -21.61 22.40
C GLU E 31 41.51 -22.06 20.97
N CYS E 32 42.46 -22.84 20.51
CA CYS E 32 42.45 -23.34 19.16
C CYS E 32 42.63 -24.83 19.16
N ILE E 33 41.57 -25.57 18.78
CA ILE E 33 41.56 -27.03 18.80
C ILE E 33 42.63 -27.65 17.91
N GLU E 34 42.71 -27.19 16.68
CA GLU E 34 43.72 -27.66 15.75
C GLU E 34 44.42 -26.49 15.04
N ASP E 35 45.54 -26.74 14.35
CA ASP E 35 46.27 -25.68 13.63
C ASP E 35 45.36 -25.10 12.55
N LEU E 36 45.32 -23.77 12.44
CA LEU E 36 44.47 -23.13 11.47
C LEU E 36 45.24 -22.76 10.23
N SER E 37 44.65 -23.09 9.09
CA SER E 37 45.22 -22.80 7.78
C SER E 37 45.04 -21.31 7.43
N GLU E 38 43.91 -20.70 7.85
CA GLU E 38 43.62 -19.29 7.54
C GLU E 38 43.80 -18.36 8.76
N ASP E 39 43.36 -17.08 8.65
CA ASP E 39 43.46 -16.08 9.71
C ASP E 39 42.13 -15.84 10.43
N LEU E 40 42.21 -15.33 11.66
CA LEU E 40 41.04 -14.93 12.44
C LEU E 40 40.92 -13.41 12.32
N GLU E 41 39.77 -12.89 11.88
CA GLU E 41 39.60 -11.46 11.73
C GLU E 41 38.72 -10.87 12.83
N TRP E 42 39.32 -10.12 13.70
CA TRP E 42 38.65 -9.48 14.81
C TRP E 42 38.19 -8.08 14.45
N LYS E 43 37.04 -7.65 14.98
CA LYS E 43 36.54 -6.31 14.71
C LYS E 43 35.90 -5.74 15.94
N ILE E 44 36.10 -4.46 16.19
CA ILE E 44 35.40 -3.77 17.28
C ILE E 44 34.48 -2.76 16.61
N ILE E 45 33.16 -2.95 16.71
CA ILE E 45 32.16 -2.05 16.12
C ILE E 45 31.48 -1.29 17.24
N TYR E 46 31.26 0.02 17.07
CA TYR E 46 30.60 0.89 18.03
C TYR E 46 29.26 1.28 17.47
N VAL E 47 28.16 0.95 18.15
CA VAL E 47 26.84 1.33 17.65
C VAL E 47 26.62 2.77 18.05
N GLY E 48 26.89 3.69 17.13
CA GLY E 48 26.78 5.11 17.40
C GLY E 48 25.37 5.57 17.70
N SER E 49 24.44 5.15 16.88
CA SER E 49 23.06 5.53 17.02
C SER E 49 22.21 4.29 17.12
N ALA E 50 21.31 4.26 18.10
CA ALA E 50 20.38 3.13 18.22
C ALA E 50 19.33 3.23 17.10
N GLU E 51 18.91 4.46 16.76
CA GLU E 51 17.96 4.80 15.70
C GLU E 51 18.36 4.14 14.35
N SER E 52 19.65 4.21 13.98
CA SER E 52 20.09 3.65 12.71
C SER E 52 21.41 2.89 12.76
N GLU E 53 21.49 1.82 11.95
CA GLU E 53 22.68 1.00 11.79
C GLU E 53 23.73 1.71 10.92
N GLU E 54 23.38 2.83 10.21
CA GLU E 54 24.36 3.51 9.38
C GLU E 54 25.33 4.38 10.21
N TYR E 55 25.05 4.58 11.51
CA TYR E 55 25.99 5.27 12.40
C TYR E 55 26.86 4.29 13.21
N ASP E 56 26.93 3.01 12.79
CA ASP E 56 27.82 2.04 13.43
C ASP E 56 29.20 2.26 12.88
N GLN E 57 30.19 2.30 13.75
CA GLN E 57 31.56 2.58 13.37
C GLN E 57 32.44 1.39 13.65
N VAL E 58 33.09 0.81 12.62
CA VAL E 58 34.06 -0.26 12.84
C VAL E 58 35.32 0.47 13.26
N LEU E 59 35.60 0.51 14.58
CA LEU E 59 36.74 1.22 15.16
C LEU E 59 38.07 0.67 14.73
N ASP E 60 38.14 -0.65 14.48
CA ASP E 60 39.34 -1.32 14.00
C ASP E 60 39.05 -2.76 13.58
N SER E 61 39.91 -3.28 12.70
CA SER E 61 39.84 -4.64 12.21
C SER E 61 41.25 -5.21 12.28
N VAL E 62 41.43 -6.30 13.02
CA VAL E 62 42.73 -6.93 13.24
C VAL E 62 42.76 -8.37 12.68
N LEU E 63 43.86 -8.74 12.03
CA LEU E 63 44.05 -10.09 11.51
C LEU E 63 45.03 -10.81 12.42
N VAL E 64 44.65 -11.99 12.91
CA VAL E 64 45.51 -12.80 13.76
C VAL E 64 45.76 -14.15 13.06
N GLY E 65 47.00 -14.37 12.63
CA GLY E 65 47.33 -15.60 11.93
C GLY E 65 48.77 -15.74 11.46
N PRO E 66 49.25 -16.97 11.19
CA PRO E 66 48.56 -18.27 11.34
C PRO E 66 48.38 -18.64 12.81
N VAL E 67 47.36 -19.46 13.09
CA VAL E 67 47.06 -19.82 14.47
C VAL E 67 47.43 -21.28 14.76
N PRO E 68 48.46 -21.53 15.57
CA PRO E 68 48.76 -22.91 15.97
C PRO E 68 47.77 -23.39 17.05
N ALA E 69 47.59 -24.71 17.18
CA ALA E 69 46.69 -25.26 18.21
C ALA E 69 47.21 -24.88 19.60
N GLY E 70 46.29 -24.48 20.48
CA GLY E 70 46.66 -24.09 21.83
C GLY E 70 45.95 -22.85 22.30
N ARG E 71 46.27 -22.41 23.52
CA ARG E 71 45.65 -21.21 24.07
C ARG E 71 46.46 -19.98 23.71
N HIS E 72 45.77 -18.91 23.29
CA HIS E 72 46.40 -17.66 22.90
C HIS E 72 45.76 -16.49 23.63
N MET E 73 46.48 -15.40 23.73
CA MET E 73 45.99 -14.20 24.40
C MET E 73 46.54 -12.95 23.71
N PHE E 74 45.71 -11.93 23.58
CA PHE E 74 46.15 -10.67 22.96
C PHE E 74 45.34 -9.48 23.44
N VAL E 75 45.90 -8.27 23.31
CA VAL E 75 45.16 -7.08 23.67
C VAL E 75 44.74 -6.36 22.39
N PHE E 76 43.44 -6.24 22.17
CA PHE E 76 42.90 -5.54 21.02
C PHE E 76 42.77 -4.07 21.40
N GLN E 77 43.43 -3.18 20.65
CA GLN E 77 43.29 -1.73 20.84
C GLN E 77 42.63 -1.17 19.61
N ALA E 78 41.69 -0.25 19.80
CA ALA E 78 40.94 0.40 18.73
C ALA E 78 40.64 1.81 19.21
N ASP E 79 40.92 2.81 18.38
CA ASP E 79 40.67 4.19 18.75
C ASP E 79 39.20 4.48 19.06
N ALA E 80 38.94 5.45 19.93
CA ALA E 80 37.58 5.84 20.30
C ALA E 80 36.75 6.25 19.05
N PRO E 81 35.42 6.13 19.10
CA PRO E 81 34.62 6.50 17.91
C PRO E 81 34.70 7.97 17.56
N ASN E 82 34.46 8.31 16.29
CA ASN E 82 34.46 9.68 15.81
C ASN E 82 33.23 10.40 16.34
N PRO E 83 33.38 11.40 17.24
CA PRO E 83 32.19 12.12 17.73
C PRO E 83 31.42 12.84 16.62
N GLY E 84 32.11 13.19 15.55
CA GLY E 84 31.50 13.84 14.39
C GLY E 84 30.42 13.01 13.73
N LEU E 85 30.42 11.68 13.95
CA LEU E 85 29.43 10.76 13.42
C LEU E 85 28.41 10.26 14.47
N ILE E 86 28.48 10.78 15.70
CA ILE E 86 27.57 10.39 16.76
C ILE E 86 26.46 11.43 16.88
N PRO E 87 25.19 11.05 16.59
CA PRO E 87 24.09 12.02 16.72
C PRO E 87 23.99 12.53 18.16
N ASP E 88 23.82 13.84 18.35
CA ASP E 88 23.77 14.47 19.69
C ASP E 88 22.86 13.74 20.67
N ALA E 89 21.67 13.36 20.21
CA ALA E 89 20.69 12.67 21.04
C ALA E 89 21.19 11.33 21.59
N ASP E 90 22.09 10.65 20.85
CA ASP E 90 22.63 9.35 21.25
C ASP E 90 24.03 9.44 21.90
N ALA E 91 24.54 10.66 22.14
CA ALA E 91 25.87 10.83 22.73
C ALA E 91 25.93 10.51 24.23
N VAL E 92 25.00 11.03 25.03
CA VAL E 92 24.99 10.79 26.46
C VAL E 92 23.94 9.76 26.82
N GLY E 93 24.40 8.66 27.38
CA GLY E 93 23.55 7.54 27.74
C GLY E 93 24.13 6.20 27.32
N VAL E 94 23.29 5.16 27.37
CA VAL E 94 23.67 3.77 27.08
C VAL E 94 23.68 3.40 25.59
N THR E 95 24.82 2.90 25.13
CA THR E 95 25.02 2.47 23.76
C THR E 95 25.58 1.03 23.78
N VAL E 96 26.09 0.52 22.64
CA VAL E 96 26.64 -0.83 22.57
C VAL E 96 27.99 -0.85 21.82
N VAL E 97 28.93 -1.64 22.33
CA VAL E 97 30.19 -1.91 21.65
C VAL E 97 30.22 -3.43 21.39
N LEU E 98 30.64 -3.82 20.19
CA LEU E 98 30.69 -5.23 19.79
C LEU E 98 32.08 -5.65 19.42
N ILE E 99 32.43 -6.91 19.70
CA ILE E 99 33.70 -7.53 19.31
C ILE E 99 33.31 -8.75 18.47
N THR E 100 33.81 -8.86 17.22
CA THR E 100 33.40 -10.00 16.37
C THR E 100 34.56 -10.74 15.75
N CYS E 101 34.65 -12.07 16.01
CA CYS E 101 35.67 -12.85 15.33
C CYS E 101 35.13 -13.59 14.13
N THR E 102 35.92 -13.61 13.08
CA THR E 102 35.53 -14.20 11.81
C THR E 102 36.61 -15.15 11.32
N TYR E 103 36.19 -16.27 10.72
CA TYR E 103 37.11 -17.24 10.15
C TYR E 103 36.66 -17.54 8.74
N ARG E 104 37.53 -17.26 7.75
CA ARG E 104 37.24 -17.48 6.35
C ARG E 104 36.02 -16.68 5.88
N GLY E 105 35.92 -15.46 6.37
CA GLY E 105 34.82 -14.58 5.99
C GLY E 105 33.49 -14.84 6.67
N GLN E 106 33.48 -15.72 7.68
CA GLN E 106 32.26 -16.04 8.39
C GLN E 106 32.40 -15.73 9.86
N GLU E 107 31.54 -14.90 10.38
CA GLU E 107 31.59 -14.54 11.80
C GLU E 107 31.08 -15.70 12.62
N PHE E 108 31.85 -16.12 13.62
CA PHE E 108 31.42 -17.24 14.47
C PHE E 108 31.13 -16.84 15.92
N ILE E 109 31.51 -15.63 16.33
CA ILE E 109 31.30 -15.18 17.70
C ILE E 109 31.13 -13.66 17.70
N ARG E 110 30.31 -13.15 18.64
CA ARG E 110 30.07 -11.72 18.76
C ARG E 110 29.86 -11.40 20.23
N VAL E 111 30.74 -10.60 20.84
CA VAL E 111 30.61 -10.23 22.25
C VAL E 111 30.16 -8.79 22.35
N GLY E 112 28.96 -8.58 22.85
CA GLY E 112 28.40 -7.24 23.01
C GLY E 112 28.44 -6.73 24.43
N TYR E 113 28.67 -5.45 24.60
CA TYR E 113 28.74 -4.81 25.91
C TYR E 113 27.95 -3.49 25.90
N TYR E 114 27.15 -3.23 26.96
CA TYR E 114 26.46 -1.95 27.08
C TYR E 114 27.52 -0.97 27.51
N VAL E 115 27.54 0.21 26.89
CA VAL E 115 28.52 1.25 27.20
C VAL E 115 27.77 2.49 27.65
N ASN E 116 27.97 2.93 28.89
CA ASN E 116 27.26 4.08 29.41
C ASN E 116 28.15 5.33 29.39
N ASN E 117 27.81 6.32 28.56
CA ASN E 117 28.57 7.57 28.48
C ASN E 117 27.86 8.63 29.33
N GLU E 118 28.55 9.15 30.32
CA GLU E 118 27.96 10.08 31.28
C GLU E 118 28.94 11.17 31.66
N TYR E 119 28.43 12.37 32.04
CA TYR E 119 29.30 13.42 32.53
C TYR E 119 29.67 13.04 33.94
N THR E 120 30.82 13.49 34.40
CA THR E 120 31.28 13.15 35.75
C THR E 120 31.02 14.28 36.75
N GLU E 121 31.04 15.54 36.28
CA GLU E 121 30.87 16.73 37.11
C GLU E 121 29.39 16.94 37.44
N THR E 122 29.08 17.27 38.69
CA THR E 122 27.72 17.51 39.17
C THR E 122 27.00 18.63 38.40
N GLU E 123 27.74 19.69 38.06
CA GLU E 123 27.25 20.83 37.30
C GLU E 123 26.73 20.39 35.92
N LEU E 124 27.48 19.56 35.21
CA LEU E 124 27.08 19.06 33.91
C LEU E 124 25.99 17.99 34.01
N ARG E 125 26.01 17.16 35.08
CA ARG E 125 25.00 16.14 35.28
C ARG E 125 23.62 16.78 35.56
N GLU E 126 23.58 17.96 36.18
CA GLU E 126 22.31 18.64 36.45
C GLU E 126 21.92 19.53 35.26
N ASN E 127 22.90 20.21 34.66
CA ASN E 127 22.66 21.10 33.55
C ASN E 127 23.56 20.71 32.35
N PRO E 128 23.20 19.65 31.62
CA PRO E 128 24.03 19.24 30.47
C PRO E 128 23.97 20.21 29.30
N PRO E 129 25.08 20.34 28.55
CA PRO E 129 25.07 21.25 27.41
C PRO E 129 24.20 20.77 26.26
N VAL E 130 23.71 21.70 25.45
CA VAL E 130 22.86 21.40 24.29
C VAL E 130 23.65 20.51 23.30
N LYS E 131 24.91 20.87 23.09
CA LYS E 131 25.81 20.10 22.25
C LYS E 131 26.66 19.31 23.23
N PRO E 132 26.70 17.98 23.10
CA PRO E 132 27.51 17.17 24.03
C PRO E 132 29.00 17.48 24.00
N ASP E 133 29.62 17.60 25.19
CA ASP E 133 31.04 17.89 25.32
C ASP E 133 31.71 16.56 25.50
N PHE E 134 32.25 16.02 24.42
CA PHE E 134 32.91 14.70 24.44
C PHE E 134 34.18 14.68 25.27
N SER E 135 34.84 15.83 25.46
CA SER E 135 36.03 15.88 26.31
C SER E 135 35.67 15.81 27.81
N LYS E 136 34.38 15.96 28.18
CA LYS E 136 33.93 15.86 29.57
C LYS E 136 33.07 14.60 29.87
N LEU E 137 32.87 13.73 28.85
CA LEU E 137 32.09 12.48 28.89
C LEU E 137 32.95 11.28 29.24
N GLN E 138 32.53 10.48 30.25
CA GLN E 138 33.23 9.30 30.68
C GLN E 138 32.55 8.08 30.13
N ARG E 139 33.31 7.22 29.47
CA ARG E 139 32.80 6.01 28.89
C ARG E 139 32.95 4.86 29.91
N ASN E 140 31.83 4.20 30.24
CA ASN E 140 31.85 3.12 31.19
C ASN E 140 31.25 1.88 30.57
N ILE E 141 32.10 0.99 30.06
CA ILE E 141 31.67 -0.28 29.45
C ILE E 141 31.22 -1.23 30.58
N LEU E 142 29.96 -1.67 30.57
CA LEU E 142 29.40 -2.52 31.63
C LEU E 142 29.89 -3.97 31.43
N ALA E 143 31.15 -4.17 31.82
CA ALA E 143 31.97 -5.36 31.63
C ALA E 143 31.48 -6.58 32.36
N SER E 144 30.77 -6.40 33.48
CA SER E 144 30.29 -7.56 34.24
C SER E 144 29.11 -8.27 33.60
N ASN E 145 28.64 -7.79 32.45
CA ASN E 145 27.47 -8.39 31.81
C ASN E 145 27.55 -8.40 30.29
N PRO E 146 28.47 -9.18 29.70
CA PRO E 146 28.56 -9.25 28.24
C PRO E 146 27.48 -10.15 27.64
N ARG E 147 27.17 -9.96 26.36
CA ARG E 147 26.23 -10.82 25.66
C ARG E 147 26.99 -11.52 24.58
N VAL E 148 27.22 -12.84 24.76
CA VAL E 148 27.97 -13.62 23.81
C VAL E 148 27.02 -14.35 22.87
N THR E 149 27.27 -14.27 21.56
CA THR E 149 26.44 -14.94 20.58
C THR E 149 27.33 -15.72 19.65
N ARG E 150 27.09 -17.02 19.52
CA ARG E 150 27.88 -17.90 18.65
C ARG E 150 27.08 -18.22 17.40
N PHE E 151 27.77 -18.41 16.28
CA PHE E 151 27.12 -18.68 15.00
C PHE E 151 27.64 -19.96 14.39
N HIS E 152 26.77 -20.70 13.69
CA HIS E 152 27.18 -21.90 13.00
C HIS E 152 27.86 -21.53 11.70
N ILE E 153 29.16 -21.83 11.59
CA ILE E 153 29.92 -21.54 10.37
C ILE E 153 30.54 -22.83 9.79
N ASN E 154 31.01 -22.75 8.55
CA ASN E 154 31.66 -23.88 7.89
C ASN E 154 33.15 -23.88 8.26
N TRP E 155 33.55 -24.82 9.15
CA TRP E 155 34.93 -24.89 9.59
C TRP E 155 35.83 -25.75 8.68
N GLU E 156 35.26 -26.65 7.85
CA GLU E 156 35.97 -27.56 6.94
C GLU E 156 37.06 -28.39 7.65
N MET F 3 -5.68 35.49 25.17
CA MET F 3 -6.93 35.96 25.77
C MET F 3 -7.71 34.83 26.51
N ALA F 4 -6.98 33.77 26.94
CA ALA F 4 -7.56 32.63 27.68
C ALA F 4 -7.91 33.04 29.11
N LYS F 5 -8.84 32.32 29.76
CA LYS F 5 -9.25 32.68 31.12
C LYS F 5 -8.23 32.35 32.22
N VAL F 6 -7.34 31.39 31.99
CA VAL F 6 -6.37 30.98 32.99
C VAL F 6 -4.95 31.13 32.46
N GLN F 7 -4.05 31.65 33.30
CA GLN F 7 -2.64 31.81 32.94
C GLN F 7 -1.81 31.23 34.07
N VAL F 8 -0.89 30.30 33.78
CA VAL F 8 -0.05 29.73 34.84
C VAL F 8 1.17 30.61 34.98
N ASN F 9 1.34 31.22 36.15
CA ASN F 9 2.45 32.13 36.41
C ASN F 9 3.78 31.43 36.71
N ASN F 10 3.78 30.49 37.65
CA ASN F 10 4.97 29.75 38.00
C ASN F 10 4.69 28.36 38.62
N VAL F 11 5.64 27.47 38.47
CA VAL F 11 5.60 26.13 39.06
C VAL F 11 6.94 25.97 39.76
N VAL F 12 6.91 25.73 41.06
CA VAL F 12 8.12 25.57 41.85
C VAL F 12 8.27 24.12 42.26
N VAL F 13 9.39 23.47 41.88
CA VAL F 13 9.61 22.07 42.25
C VAL F 13 10.14 22.01 43.69
N LEU F 14 9.33 21.46 44.61
CA LEU F 14 9.69 21.36 46.01
C LEU F 14 10.32 20.00 46.34
N ASP F 15 11.15 19.94 47.42
CA ASP F 15 11.82 18.72 47.89
C ASP F 15 12.59 18.06 46.74
N ASN F 16 13.67 18.71 46.29
CA ASN F 16 14.38 18.23 45.12
C ASN F 16 15.88 18.48 45.17
N PRO F 17 16.76 17.49 44.88
CA PRO F 17 16.46 16.07 44.60
C PRO F 17 15.99 15.36 45.87
N SER F 18 15.48 14.15 45.70
CA SER F 18 14.92 13.38 46.81
C SER F 18 14.99 11.88 46.49
N PRO F 19 14.82 10.98 47.49
CA PRO F 19 14.73 9.55 47.18
C PRO F 19 13.61 9.30 46.15
N PHE F 20 13.79 8.28 45.30
CA PHE F 20 12.80 7.95 44.27
C PHE F 20 11.36 7.87 44.81
N TYR F 21 11.23 7.25 45.99
CA TYR F 21 9.94 6.98 46.61
C TYR F 21 9.24 8.20 47.25
N ASN F 22 9.92 9.36 47.34
CA ASN F 22 9.28 10.55 47.90
C ASN F 22 8.22 11.06 46.94
N PRO F 23 7.07 11.55 47.47
CA PRO F 23 6.05 12.11 46.58
C PRO F 23 6.53 13.39 45.89
N PHE F 24 5.96 13.66 44.72
CA PHE F 24 6.25 14.86 43.95
C PHE F 24 5.53 16.03 44.59
N GLN F 25 6.18 17.19 44.64
CA GLN F 25 5.57 18.37 45.22
C GLN F 25 5.82 19.54 44.31
N PHE F 26 4.77 20.18 43.83
CA PHE F 26 4.90 21.33 42.96
C PHE F 26 4.05 22.45 43.48
N GLU F 27 4.64 23.62 43.75
CA GLU F 27 3.88 24.79 44.17
C GLU F 27 3.45 25.51 42.89
N ILE F 28 2.16 25.38 42.54
CA ILE F 28 1.58 25.91 41.32
C ILE F 28 0.86 27.22 41.57
N THR F 29 1.30 28.30 40.91
CA THR F 29 0.69 29.64 41.03
C THR F 29 0.08 30.03 39.68
N PHE F 30 -1.19 30.45 39.67
CA PHE F 30 -1.88 30.78 38.42
C PHE F 30 -2.87 31.94 38.58
N GLU F 31 -3.17 32.64 37.49
CA GLU F 31 -4.09 33.76 37.50
C GLU F 31 -5.36 33.45 36.76
N CYS F 32 -6.46 34.04 37.19
CA CYS F 32 -7.76 33.79 36.59
C CYS F 32 -8.43 35.12 36.21
N ILE F 33 -8.59 35.36 34.90
CA ILE F 33 -9.14 36.61 34.35
C ILE F 33 -10.55 36.89 34.83
N GLU F 34 -11.42 35.91 34.71
CA GLU F 34 -12.80 36.05 35.17
C GLU F 34 -13.21 34.82 35.99
N ASP F 35 -14.35 34.90 36.71
CA ASP F 35 -14.84 33.77 37.51
C ASP F 35 -15.12 32.59 36.60
N LEU F 36 -14.69 31.39 37.01
CA LEU F 36 -14.88 30.20 36.19
C LEU F 36 -16.11 29.43 36.58
N SER F 37 -16.92 29.13 35.54
CA SER F 37 -18.16 28.36 35.64
C SER F 37 -17.91 26.87 35.93
N GLU F 38 -16.87 26.28 35.31
CA GLU F 38 -16.50 24.89 35.54
C GLU F 38 -15.21 24.79 36.41
N ASP F 39 -14.67 23.57 36.59
CA ASP F 39 -13.47 23.32 37.39
C ASP F 39 -12.21 23.19 36.52
N LEU F 40 -11.05 23.37 37.17
CA LEU F 40 -9.75 23.19 36.57
C LEU F 40 -9.24 21.81 37.01
N GLU F 41 -8.94 20.92 36.06
CA GLU F 41 -8.45 19.58 36.41
C GLU F 41 -6.96 19.47 36.22
N TRP F 42 -6.22 19.45 37.32
CA TRP F 42 -4.78 19.34 37.31
C TRP F 42 -4.33 17.87 37.36
N LYS F 43 -3.27 17.52 36.64
CA LYS F 43 -2.74 16.17 36.63
C LYS F 43 -1.23 16.17 36.67
N ILE F 44 -0.65 15.16 37.33
CA ILE F 44 0.80 14.92 37.32
C ILE F 44 0.97 13.58 36.64
N ILE F 45 1.64 13.55 35.48
CA ILE F 45 1.84 12.31 34.74
C ILE F 45 3.33 12.00 34.68
N TYR F 46 3.69 10.75 34.91
CA TYR F 46 5.07 10.32 34.91
C TYR F 46 5.28 9.47 33.68
N VAL F 47 6.20 9.84 32.79
CA VAL F 47 6.47 9.07 31.59
C VAL F 47 7.44 7.97 31.98
N GLY F 48 6.89 6.80 32.34
CA GLY F 48 7.68 5.67 32.79
C GLY F 48 8.56 5.04 31.72
N SER F 49 8.05 5.00 30.49
CA SER F 49 8.81 4.44 29.38
C SER F 49 8.75 5.42 28.26
N ALA F 50 9.92 5.81 27.74
CA ALA F 50 9.98 6.73 26.61
C ALA F 50 9.49 5.99 25.33
N GLU F 51 9.84 4.68 25.23
CA GLU F 51 9.46 3.79 24.14
C GLU F 51 7.91 3.80 23.93
N SER F 52 7.12 3.73 25.02
CA SER F 52 5.67 3.68 24.90
C SER F 52 4.87 4.57 25.86
N GLU F 53 3.72 5.07 25.34
CA GLU F 53 2.77 5.86 26.12
C GLU F 53 1.98 4.99 27.10
N GLU F 54 1.96 3.65 26.92
CA GLU F 54 1.19 2.78 27.83
C GLU F 54 1.78 2.71 29.23
N TYR F 55 3.06 3.08 29.40
CA TYR F 55 3.69 3.10 30.71
C TYR F 55 3.68 4.49 31.39
N ASP F 56 2.82 5.41 30.91
CA ASP F 56 2.67 6.71 31.54
C ASP F 56 1.75 6.52 32.71
N GLN F 57 2.14 7.05 33.85
CA GLN F 57 1.36 6.91 35.06
C GLN F 57 0.80 8.23 35.53
N VAL F 58 -0.53 8.33 35.62
CA VAL F 58 -1.12 9.54 36.16
C VAL F 58 -0.99 9.37 37.69
N LEU F 59 0.00 10.04 38.28
CA LEU F 59 0.29 9.95 39.71
C LEU F 59 -0.83 10.54 40.57
N ASP F 60 -1.53 11.54 40.07
CA ASP F 60 -2.70 12.14 40.73
C ASP F 60 -3.45 13.08 39.82
N SER F 61 -4.75 13.20 40.06
CA SER F 61 -5.65 14.06 39.33
C SER F 61 -6.45 14.85 40.38
N VAL F 62 -6.33 16.18 40.34
CA VAL F 62 -6.97 17.06 41.31
C VAL F 62 -7.97 18.01 40.62
N LEU F 63 -9.14 18.21 41.25
CA LEU F 63 -10.12 19.16 40.74
C LEU F 63 -10.03 20.42 41.59
N VAL F 64 -9.82 21.57 40.94
CA VAL F 64 -9.73 22.87 41.60
C VAL F 64 -10.90 23.70 41.12
N GLY F 65 -11.85 23.93 42.03
CA GLY F 65 -13.05 24.68 41.68
C GLY F 65 -14.02 24.88 42.83
N PRO F 66 -14.88 25.91 42.78
CA PRO F 66 -14.99 26.94 41.74
C PRO F 66 -13.78 27.90 41.77
N VAL F 67 -13.45 28.49 40.61
CA VAL F 67 -12.31 29.41 40.59
C VAL F 67 -12.75 30.84 40.46
N PRO F 68 -12.60 31.65 41.54
CA PRO F 68 -12.91 33.08 41.40
C PRO F 68 -11.78 33.81 40.65
N ALA F 69 -12.09 34.98 40.05
CA ALA F 69 -11.08 35.75 39.36
C ALA F 69 -9.99 36.21 40.34
N GLY F 70 -8.74 36.13 39.93
CA GLY F 70 -7.62 36.52 40.78
C GLY F 70 -6.47 35.55 40.78
N ARG F 71 -5.44 35.83 41.59
CA ARG F 71 -4.28 34.96 41.66
C ARG F 71 -4.46 33.87 42.72
N HIS F 72 -4.14 32.63 42.37
CA HIS F 72 -4.26 31.49 43.25
C HIS F 72 -2.96 30.72 43.34
N MET F 73 -2.76 30.05 44.46
CA MET F 73 -1.55 29.29 44.69
C MET F 73 -1.89 28.01 45.45
N PHE F 74 -1.27 26.90 45.06
CA PHE F 74 -1.49 25.62 45.72
C PHE F 74 -0.32 24.69 45.54
N VAL F 75 -0.18 23.71 46.45
CA VAL F 75 0.88 22.72 46.31
C VAL F 75 0.25 21.41 45.84
N PHE F 76 0.56 21.03 44.60
CA PHE F 76 0.09 19.79 44.02
C PHE F 76 1.07 18.72 44.42
N GLN F 77 0.61 17.79 45.25
CA GLN F 77 1.42 16.67 45.71
C GLN F 77 0.85 15.36 45.15
N ALA F 78 1.73 14.47 44.68
CA ALA F 78 1.32 13.19 44.11
C ALA F 78 2.35 12.12 44.47
N ASP F 79 1.88 10.93 44.87
CA ASP F 79 2.79 9.84 45.25
C ASP F 79 3.73 9.42 44.13
N ALA F 80 4.92 8.92 44.50
CA ALA F 80 5.93 8.47 43.52
C ALA F 80 5.36 7.39 42.59
N PRO F 81 5.89 7.26 41.35
CA PRO F 81 5.37 6.24 40.44
C PRO F 81 5.59 4.80 40.94
N ASN F 82 4.72 3.90 40.52
CA ASN F 82 4.80 2.49 40.87
C ASN F 82 5.96 1.84 40.11
N PRO F 83 7.03 1.41 40.80
CA PRO F 83 8.15 0.77 40.10
C PRO F 83 7.74 -0.49 39.33
N GLY F 84 6.68 -1.15 39.79
CA GLY F 84 6.11 -2.32 39.15
C GLY F 84 5.64 -2.09 37.73
N LEU F 85 5.41 -0.83 37.35
CA LEU F 85 5.00 -0.45 36.00
C LEU F 85 6.13 0.24 35.18
N ILE F 86 7.34 0.36 35.73
CA ILE F 86 8.46 0.98 35.05
C ILE F 86 9.35 -0.05 34.42
N PRO F 87 9.49 -0.11 33.08
CA PRO F 87 10.35 -1.12 32.46
C PRO F 87 11.80 -0.95 32.92
N ASP F 88 12.49 -2.06 33.27
CA ASP F 88 13.86 -2.02 33.78
C ASP F 88 14.81 -1.12 32.98
N ALA F 89 14.74 -1.23 31.64
CA ALA F 89 15.58 -0.43 30.75
C ALA F 89 15.39 1.11 30.92
N ASP F 90 14.18 1.53 31.29
CA ASP F 90 13.85 2.93 31.47
C ASP F 90 13.88 3.42 32.93
N ALA F 91 14.29 2.58 33.87
CA ALA F 91 14.32 2.96 35.28
C ALA F 91 15.47 3.90 35.66
N VAL F 92 16.72 3.59 35.26
CA VAL F 92 17.84 4.43 35.63
C VAL F 92 18.25 5.29 34.46
N GLY F 93 18.22 6.62 34.68
CA GLY F 93 18.54 7.62 33.68
C GLY F 93 17.46 8.69 33.60
N VAL F 94 17.49 9.43 32.50
CA VAL F 94 16.57 10.54 32.26
C VAL F 94 15.22 10.11 31.71
N THR F 95 14.17 10.58 32.36
CA THR F 95 12.78 10.39 31.97
C THR F 95 12.04 11.77 32.05
N VAL F 96 10.69 11.80 31.96
CA VAL F 96 9.94 13.04 31.98
C VAL F 96 8.77 12.99 32.97
N VAL F 97 8.54 14.10 33.68
CA VAL F 97 7.36 14.30 34.51
C VAL F 97 6.57 15.49 33.90
N LEU F 98 5.24 15.38 33.83
CA LEU F 98 4.38 16.41 33.25
C LEU F 98 3.35 16.90 34.25
N ILE F 99 3.03 18.20 34.21
CA ILE F 99 1.96 18.80 35.00
C ILE F 99 1.02 19.37 33.96
N THR F 100 -0.22 18.86 33.89
CA THR F 100 -1.17 19.36 32.89
C THR F 100 -2.50 19.89 33.47
N CYS F 101 -2.94 21.05 33.00
CA CYS F 101 -4.23 21.58 33.41
C CYS F 101 -5.23 21.47 32.29
N THR F 102 -6.44 21.11 32.66
CA THR F 102 -7.51 20.83 31.73
C THR F 102 -8.75 21.66 32.16
N TYR F 103 -9.45 22.32 31.21
CA TYR F 103 -10.68 23.07 31.50
C TYR F 103 -11.78 22.56 30.57
N ARG F 104 -12.87 22.02 31.14
CA ARG F 104 -13.98 21.46 30.38
C ARG F 104 -13.53 20.34 29.44
N GLY F 105 -12.64 19.49 29.95
CA GLY F 105 -12.14 18.36 29.18
C GLY F 105 -11.14 18.68 28.08
N GLN F 106 -10.60 19.91 28.09
CA GLN F 106 -9.60 20.31 27.11
C GLN F 106 -8.34 20.76 27.82
N GLU F 107 -7.21 20.11 27.54
CA GLU F 107 -5.93 20.49 28.15
C GLU F 107 -5.46 21.81 27.52
N PHE F 108 -5.13 22.82 28.34
CA PHE F 108 -4.68 24.10 27.82
C PHE F 108 -3.21 24.42 28.14
N ILE F 109 -2.58 23.65 29.00
CA ILE F 109 -1.19 23.89 29.39
C ILE F 109 -0.55 22.55 29.66
N ARG F 110 0.78 22.48 29.57
CA ARG F 110 1.53 21.27 29.89
C ARG F 110 2.94 21.68 30.26
N VAL F 111 3.34 21.48 31.51
CA VAL F 111 4.68 21.82 31.95
C VAL F 111 5.49 20.52 32.13
N GLY F 112 6.48 20.33 31.28
CA GLY F 112 7.31 19.13 31.32
C GLY F 112 8.66 19.39 31.94
N TYR F 113 9.19 18.39 32.66
CA TYR F 113 10.49 18.46 33.33
C TYR F 113 11.25 17.17 33.10
N TYR F 114 12.56 17.27 32.78
CA TYR F 114 13.39 16.07 32.66
C TYR F 114 13.68 15.63 34.08
N VAL F 115 13.62 14.32 34.34
CA VAL F 115 13.84 13.78 35.67
C VAL F 115 14.98 12.79 35.56
N ASN F 116 16.06 13.02 36.28
CA ASN F 116 17.20 12.13 36.22
C ASN F 116 17.25 11.20 37.45
N ASN F 117 17.01 9.89 37.26
CA ASN F 117 17.06 8.91 38.34
C ASN F 117 18.43 8.24 38.32
N GLU F 118 19.20 8.42 39.38
CA GLU F 118 20.56 7.92 39.44
C GLU F 118 20.88 7.33 40.81
N TYR F 119 21.83 6.40 40.86
CA TYR F 119 22.29 5.85 42.14
C TYR F 119 23.23 6.90 42.75
N THR F 120 23.24 6.99 44.07
CA THR F 120 24.05 7.99 44.75
C THR F 120 25.44 7.48 45.15
N GLU F 121 25.63 6.16 45.19
CA GLU F 121 26.94 5.61 45.51
C GLU F 121 27.66 5.30 44.20
N THR F 122 28.95 5.63 44.10
CA THR F 122 29.70 5.38 42.87
C THR F 122 30.15 3.91 42.69
N GLU F 123 29.56 2.97 43.44
CA GLU F 123 29.84 1.54 43.26
C GLU F 123 28.80 1.01 42.26
N LEU F 124 27.52 1.37 42.50
CA LEU F 124 26.38 1.08 41.65
C LEU F 124 26.39 2.01 40.42
N ARG F 125 26.94 3.24 40.54
CA ARG F 125 27.01 4.18 39.42
C ARG F 125 27.87 3.57 38.30
N GLU F 126 29.00 2.95 38.70
CA GLU F 126 29.95 2.29 37.80
C GLU F 126 29.51 0.89 37.46
N ASN F 127 28.95 0.17 38.41
CA ASN F 127 28.50 -1.20 38.17
C ASN F 127 27.02 -1.36 38.61
N PRO F 128 26.07 -0.87 37.79
CA PRO F 128 24.66 -0.94 38.20
C PRO F 128 24.09 -2.35 38.14
N PRO F 129 23.11 -2.65 39.02
CA PRO F 129 22.49 -3.97 38.98
C PRO F 129 21.61 -4.16 37.74
N VAL F 130 21.44 -5.41 37.32
CA VAL F 130 20.61 -5.80 36.18
C VAL F 130 19.14 -5.42 36.46
N LYS F 131 18.70 -5.65 37.70
CA LYS F 131 17.37 -5.26 38.16
C LYS F 131 17.60 -3.96 38.94
N PRO F 132 16.95 -2.86 38.52
CA PRO F 132 17.13 -1.61 39.23
C PRO F 132 16.66 -1.61 40.69
N ASP F 133 17.50 -1.03 41.58
CA ASP F 133 17.15 -0.94 42.98
C ASP F 133 16.56 0.42 43.23
N PHE F 134 15.23 0.52 43.24
CA PHE F 134 14.53 1.78 43.44
C PHE F 134 14.71 2.39 44.82
N SER F 135 15.01 1.56 45.83
CA SER F 135 15.27 2.05 47.17
C SER F 135 16.69 2.69 47.28
N LYS F 136 17.55 2.53 46.26
CA LYS F 136 18.88 3.16 46.26
C LYS F 136 19.02 4.28 45.20
N LEU F 137 17.91 4.61 44.51
CA LEU F 137 17.86 5.61 43.47
C LEU F 137 17.48 6.97 44.04
N GLN F 138 18.00 8.02 43.41
CA GLN F 138 17.67 9.39 43.74
C GLN F 138 17.04 10.05 42.54
N ARG F 139 15.83 10.60 42.71
CA ARG F 139 15.13 11.31 41.64
C ARG F 139 15.50 12.79 41.67
N ASN F 140 16.10 13.29 40.60
CA ASN F 140 16.48 14.70 40.50
C ASN F 140 15.74 15.38 39.34
N ILE F 141 14.68 16.11 39.66
CA ILE F 141 13.91 16.83 38.65
C ILE F 141 14.73 18.03 38.19
N LEU F 142 14.98 18.16 36.89
CA LEU F 142 15.78 19.25 36.37
C LEU F 142 14.89 20.48 36.24
N ALA F 143 14.60 21.08 37.41
CA ALA F 143 13.70 22.19 37.65
C ALA F 143 14.11 23.50 36.98
N SER F 144 15.41 23.70 36.75
CA SER F 144 15.90 24.91 36.10
C SER F 144 15.60 24.96 34.59
N ASN F 145 14.95 23.93 34.03
CA ASN F 145 14.69 23.93 32.60
C ASN F 145 13.35 23.29 32.25
N PRO F 146 12.21 23.93 32.61
CA PRO F 146 10.91 23.35 32.22
C PRO F 146 10.55 23.64 30.77
N ARG F 147 9.67 22.81 30.21
CA ARG F 147 9.18 23.03 28.86
C ARG F 147 7.69 23.28 28.93
N VAL F 148 7.30 24.54 28.70
CA VAL F 148 5.89 24.93 28.81
C VAL F 148 5.24 24.95 27.43
N THR F 149 4.07 24.31 27.31
CA THR F 149 3.36 24.26 26.05
C THR F 149 1.91 24.63 26.29
N ARG F 150 1.42 25.65 25.58
CA ARG F 150 0.04 26.09 25.69
C ARG F 150 -0.77 25.59 24.50
N PHE F 151 -2.05 25.31 24.71
CA PHE F 151 -2.92 24.80 23.67
C PHE F 151 -4.12 25.69 23.47
N HIS F 152 -4.58 25.80 22.22
CA HIS F 152 -5.75 26.61 21.92
C HIS F 152 -6.96 25.81 22.25
N ILE F 153 -7.71 26.24 23.25
CA ILE F 153 -8.93 25.54 23.67
C ILE F 153 -10.16 26.46 23.56
N ASN F 154 -11.37 25.89 23.60
CA ASN F 154 -12.59 26.67 23.57
C ASN F 154 -12.92 27.15 25.00
N TRP F 155 -12.69 28.44 25.29
CA TRP F 155 -12.99 29.00 26.60
C TRP F 155 -14.43 29.58 26.64
N GLU F 156 -15.41 28.87 26.02
CA GLU F 156 -16.83 29.26 25.94
C GLU F 156 -17.05 30.54 25.15
N MET G 3 -19.45 -40.79 -9.84
CA MET G 3 -19.49 -39.82 -8.75
C MET G 3 -20.43 -38.64 -9.05
N ALA G 4 -20.19 -37.90 -10.16
CA ALA G 4 -21.07 -36.80 -10.53
C ALA G 4 -22.32 -37.43 -11.12
N LYS G 5 -23.38 -37.54 -10.30
CA LYS G 5 -24.64 -38.18 -10.64
C LYS G 5 -25.30 -37.68 -11.92
N VAL G 6 -24.90 -36.49 -12.40
CA VAL G 6 -25.47 -35.93 -13.62
C VAL G 6 -24.39 -35.49 -14.59
N GLN G 7 -24.46 -35.95 -15.84
CA GLN G 7 -23.54 -35.52 -16.89
C GLN G 7 -24.37 -34.87 -18.02
N VAL G 8 -23.94 -33.73 -18.57
CA VAL G 8 -24.68 -33.11 -19.68
C VAL G 8 -23.99 -33.54 -20.96
N ASN G 9 -24.71 -34.27 -21.81
CA ASN G 9 -24.14 -34.82 -23.04
C ASN G 9 -24.07 -33.84 -24.18
N ASN G 10 -25.12 -33.07 -24.41
CA ASN G 10 -25.16 -32.14 -25.52
C ASN G 10 -26.10 -30.97 -25.27
N VAL G 11 -25.84 -29.83 -25.91
CA VAL G 11 -26.70 -28.65 -25.90
C VAL G 11 -26.73 -28.18 -27.34
N VAL G 12 -27.90 -28.14 -27.95
CA VAL G 12 -28.03 -27.73 -29.34
C VAL G 12 -28.75 -26.41 -29.40
N VAL G 13 -28.14 -25.40 -30.02
CA VAL G 13 -28.77 -24.09 -30.13
C VAL G 13 -29.76 -24.10 -31.32
N LEU G 14 -31.08 -24.03 -31.02
CA LEU G 14 -32.16 -24.07 -32.00
C LEU G 14 -32.59 -22.66 -32.41
N ASP G 15 -33.11 -22.48 -33.66
CA ASP G 15 -33.55 -21.17 -34.17
C ASP G 15 -32.43 -20.12 -34.03
N ASN G 16 -31.38 -20.28 -34.83
CA ASN G 16 -30.22 -19.42 -34.73
C ASN G 16 -29.48 -19.26 -36.07
N PRO G 17 -29.13 -18.01 -36.44
CA PRO G 17 -29.47 -16.74 -35.78
C PRO G 17 -30.97 -16.42 -35.90
N SER G 18 -31.41 -15.42 -35.14
CA SER G 18 -32.82 -15.06 -35.09
C SER G 18 -32.98 -13.60 -34.71
N PRO G 19 -34.17 -12.96 -34.92
CA PRO G 19 -34.36 -11.60 -34.41
C PRO G 19 -34.10 -11.53 -32.91
N PHE G 20 -33.58 -10.41 -32.42
CA PHE G 20 -33.26 -10.25 -31.00
C PHE G 20 -34.39 -10.69 -30.06
N TYR G 21 -35.64 -10.34 -30.42
CA TYR G 21 -36.81 -10.60 -29.60
C TYR G 21 -37.30 -12.04 -29.59
N ASN G 22 -36.74 -12.92 -30.43
CA ASN G 22 -37.13 -14.33 -30.42
C ASN G 22 -36.65 -15.00 -29.13
N PRO G 23 -37.46 -15.86 -28.52
CA PRO G 23 -37.00 -16.56 -27.31
C PRO G 23 -35.82 -17.48 -27.63
N PHE G 24 -34.98 -17.71 -26.62
CA PHE G 24 -33.83 -18.62 -26.72
C PHE G 24 -34.34 -20.06 -26.69
N GLN G 25 -33.75 -20.94 -27.51
CA GLN G 25 -34.17 -22.34 -27.54
C GLN G 25 -32.95 -23.21 -27.53
N PHE G 26 -32.84 -24.07 -26.52
CA PHE G 26 -31.70 -24.95 -26.41
C PHE G 26 -32.18 -26.36 -26.19
N GLU G 27 -31.81 -27.29 -27.05
CA GLU G 27 -32.17 -28.68 -26.87
C GLU G 27 -31.07 -29.29 -26.00
N ILE G 28 -31.38 -29.65 -24.75
CA ILE G 28 -30.37 -30.22 -23.85
C ILE G 28 -30.57 -31.70 -23.65
N THR G 29 -29.49 -32.47 -23.81
CA THR G 29 -29.47 -33.90 -23.55
C THR G 29 -28.56 -34.13 -22.35
N PHE G 30 -29.01 -34.93 -21.38
CA PHE G 30 -28.20 -35.23 -20.22
C PHE G 30 -28.43 -36.64 -19.74
N GLU G 31 -27.39 -37.25 -19.17
CA GLU G 31 -27.49 -38.60 -18.66
C GLU G 31 -27.46 -38.60 -17.16
N CYS G 32 -28.26 -39.44 -16.55
CA CYS G 32 -28.35 -39.52 -15.11
C CYS G 32 -27.86 -40.88 -14.67
N ILE G 33 -26.76 -40.92 -13.93
CA ILE G 33 -26.13 -42.16 -13.49
C ILE G 33 -27.04 -42.99 -12.58
N GLU G 34 -27.62 -42.36 -11.58
CA GLU G 34 -28.51 -43.04 -10.64
C GLU G 34 -29.81 -42.26 -10.49
N ASP G 35 -30.86 -42.87 -9.88
CA ASP G 35 -32.12 -42.15 -9.64
C ASP G 35 -31.86 -40.97 -8.70
N LEU G 36 -32.38 -39.80 -9.03
CA LEU G 36 -32.17 -38.63 -8.21
C LEU G 36 -33.29 -38.42 -7.21
N SER G 37 -32.90 -38.29 -5.95
CA SER G 37 -33.80 -38.04 -4.82
C SER G 37 -34.36 -36.58 -4.89
N GLU G 38 -33.61 -35.65 -5.50
CA GLU G 38 -33.98 -34.24 -5.59
C GLU G 38 -34.19 -33.73 -7.06
N ASP G 39 -34.41 -32.42 -7.24
CA ASP G 39 -34.64 -31.82 -8.56
C ASP G 39 -33.38 -31.17 -9.12
N LEU G 40 -33.32 -31.08 -10.45
CA LEU G 40 -32.27 -30.36 -11.16
C LEU G 40 -32.90 -29.02 -11.52
N GLU G 41 -32.25 -27.92 -11.19
CA GLU G 41 -32.77 -26.59 -11.51
C GLU G 41 -31.97 -25.97 -12.64
N TRP G 42 -32.57 -25.88 -13.81
CA TRP G 42 -31.93 -25.30 -14.98
C TRP G 42 -32.21 -23.79 -15.08
N LYS G 43 -31.21 -22.99 -15.49
CA LYS G 43 -31.38 -21.55 -15.63
C LYS G 43 -30.72 -21.04 -16.91
N ILE G 44 -31.31 -20.00 -17.52
CA ILE G 44 -30.73 -19.32 -18.68
C ILE G 44 -30.48 -17.91 -18.21
N ILE G 45 -29.21 -17.49 -18.15
CA ILE G 45 -28.85 -16.15 -17.70
C ILE G 45 -28.21 -15.37 -18.87
N TYR G 46 -28.60 -14.10 -19.04
CA TYR G 46 -28.10 -13.25 -20.10
C TYR G 46 -27.20 -12.22 -19.51
N VAL G 47 -25.93 -12.15 -19.92
CA VAL G 47 -25.03 -11.12 -19.43
C VAL G 47 -25.26 -9.86 -20.26
N GLY G 48 -26.16 -8.99 -19.78
CA GLY G 48 -26.53 -7.76 -20.46
C GLY G 48 -25.44 -6.71 -20.57
N SER G 49 -24.62 -6.61 -19.53
CA SER G 49 -23.51 -5.67 -19.53
C SER G 49 -22.28 -6.39 -19.11
N ALA G 50 -21.23 -6.27 -19.92
CA ALA G 50 -19.94 -6.86 -19.60
C ALA G 50 -19.31 -6.10 -18.43
N GLU G 51 -19.52 -4.77 -18.37
CA GLU G 51 -19.07 -3.87 -17.31
C GLU G 51 -19.50 -4.37 -15.89
N SER G 52 -20.81 -4.62 -15.67
CA SER G 52 -21.30 -5.05 -14.36
C SER G 52 -22.18 -6.29 -14.37
N GLU G 53 -22.08 -7.05 -13.29
CA GLU G 53 -22.88 -8.26 -13.06
C GLU G 53 -24.33 -7.91 -12.68
N GLU G 54 -24.63 -6.63 -12.34
CA GLU G 54 -25.99 -6.24 -11.99
C GLU G 54 -26.95 -6.22 -13.18
N TYR G 55 -26.41 -6.20 -14.41
CA TYR G 55 -27.26 -6.25 -15.60
C TYR G 55 -27.40 -7.66 -16.16
N ASP G 56 -27.10 -8.71 -15.37
CA ASP G 56 -27.32 -10.09 -15.79
C ASP G 56 -28.77 -10.41 -15.55
N GLN G 57 -29.45 -10.97 -16.55
CA GLN G 57 -30.86 -11.27 -16.45
C GLN G 57 -31.15 -12.75 -16.47
N VAL G 58 -31.83 -13.28 -15.45
CA VAL G 58 -32.21 -14.70 -15.45
C VAL G 58 -33.46 -14.78 -16.29
N LEU G 59 -33.31 -15.17 -17.56
CA LEU G 59 -34.43 -15.23 -18.51
C LEU G 59 -35.49 -16.27 -18.16
N ASP G 60 -35.09 -17.37 -17.49
CA ASP G 60 -36.00 -18.41 -17.01
C ASP G 60 -35.29 -19.39 -16.08
N SER G 61 -36.03 -20.00 -15.17
CA SER G 61 -35.53 -20.99 -14.21
C SER G 61 -36.53 -22.17 -14.15
N VAL G 62 -36.12 -23.34 -14.64
CA VAL G 62 -36.95 -24.53 -14.74
C VAL G 62 -36.55 -25.63 -13.74
N LEU G 63 -37.52 -26.31 -13.14
CA LEU G 63 -37.27 -27.43 -12.24
C LEU G 63 -37.61 -28.72 -12.96
N VAL G 64 -36.68 -29.65 -13.01
CA VAL G 64 -36.92 -30.94 -13.66
C VAL G 64 -36.70 -32.01 -12.63
N GLY G 65 -37.76 -32.70 -12.25
CA GLY G 65 -37.64 -33.76 -11.26
C GLY G 65 -38.93 -34.48 -10.93
N PRO G 66 -38.89 -35.67 -10.33
CA PRO G 66 -37.70 -36.48 -10.01
C PRO G 66 -37.06 -37.05 -11.28
N VAL G 67 -35.76 -37.31 -11.22
CA VAL G 67 -35.03 -37.78 -12.40
C VAL G 67 -34.64 -39.24 -12.28
N PRO G 68 -35.25 -40.12 -13.09
CA PRO G 68 -34.84 -41.53 -13.06
C PRO G 68 -33.51 -41.71 -13.79
N ALA G 69 -32.74 -42.76 -13.47
CA ALA G 69 -31.46 -43.02 -14.14
C ALA G 69 -31.69 -43.26 -15.65
N GLY G 70 -30.84 -42.70 -16.48
CA GLY G 70 -30.96 -42.85 -17.93
C GLY G 70 -30.73 -41.57 -18.69
N ARG G 71 -30.89 -41.60 -20.02
CA ARG G 71 -30.70 -40.40 -20.82
C ARG G 71 -32.01 -39.63 -20.99
N HIS G 72 -31.96 -38.32 -20.79
CA HIS G 72 -33.12 -37.46 -20.91
C HIS G 72 -32.83 -36.29 -21.86
N MET G 73 -33.90 -35.76 -22.46
CA MET G 73 -33.77 -34.65 -23.40
C MET G 73 -34.95 -33.70 -23.23
N PHE G 74 -34.69 -32.40 -23.29
CA PHE G 74 -35.73 -31.37 -23.16
C PHE G 74 -35.29 -30.06 -23.81
N VAL G 75 -36.23 -29.32 -24.41
CA VAL G 75 -35.92 -28.05 -25.01
C VAL G 75 -36.18 -26.95 -24.01
N PHE G 76 -35.10 -26.32 -23.54
CA PHE G 76 -35.17 -25.20 -22.60
C PHE G 76 -35.37 -23.96 -23.41
N GLN G 77 -36.54 -23.35 -23.25
CA GLN G 77 -36.90 -22.11 -23.93
C GLN G 77 -37.09 -20.98 -22.92
N ALA G 78 -36.57 -19.81 -23.23
CA ALA G 78 -36.67 -18.65 -22.34
C ALA G 78 -36.85 -17.36 -23.16
N ASP G 79 -37.77 -16.46 -22.74
CA ASP G 79 -38.01 -15.21 -23.47
C ASP G 79 -36.76 -14.34 -23.60
N ALA G 80 -36.67 -13.56 -24.68
CA ALA G 80 -35.54 -12.67 -24.92
C ALA G 80 -35.33 -11.67 -23.76
N PRO G 81 -34.09 -11.18 -23.53
CA PRO G 81 -33.87 -10.26 -22.42
C PRO G 81 -34.60 -8.93 -22.58
N ASN G 82 -34.87 -8.26 -21.46
CA ASN G 82 -35.54 -6.97 -21.43
C ASN G 82 -34.57 -5.90 -21.94
N PRO G 83 -34.83 -5.30 -23.11
CA PRO G 83 -33.93 -4.25 -23.61
C PRO G 83 -33.83 -3.05 -22.66
N GLY G 84 -34.88 -2.81 -21.88
CA GLY G 84 -34.92 -1.76 -20.88
C GLY G 84 -33.83 -1.84 -19.84
N LEU G 85 -33.24 -3.03 -19.65
CA LEU G 85 -32.16 -3.29 -18.70
C LEU G 85 -30.78 -3.47 -19.36
N ILE G 86 -30.70 -3.33 -20.70
CA ILE G 86 -29.45 -3.49 -21.43
C ILE G 86 -28.84 -2.13 -21.70
N PRO G 87 -27.66 -1.82 -21.13
CA PRO G 87 -27.05 -0.49 -21.39
C PRO G 87 -26.78 -0.29 -22.88
N ASP G 88 -27.12 0.89 -23.44
CA ASP G 88 -26.97 1.16 -24.88
C ASP G 88 -25.62 0.72 -25.44
N ALA G 89 -24.53 1.04 -24.73
CA ALA G 89 -23.17 0.71 -25.16
C ALA G 89 -22.94 -0.80 -25.32
N ASP G 90 -23.64 -1.63 -24.54
CA ASP G 90 -23.51 -3.09 -24.60
C ASP G 90 -24.59 -3.78 -25.44
N ALA G 91 -25.46 -3.04 -26.11
CA ALA G 91 -26.54 -3.63 -26.92
C ALA G 91 -26.09 -4.25 -28.25
N VAL G 92 -25.27 -3.55 -29.02
CA VAL G 92 -24.79 -4.05 -30.30
C VAL G 92 -23.35 -4.53 -30.17
N GLY G 93 -23.15 -5.81 -30.42
CA GLY G 93 -21.86 -6.45 -30.27
C GLY G 93 -21.93 -7.77 -29.52
N VAL G 94 -20.76 -8.29 -29.14
CA VAL G 94 -20.65 -9.59 -28.48
C VAL G 94 -20.86 -9.56 -26.96
N THR G 95 -21.84 -10.34 -26.50
CA THR G 95 -22.17 -10.54 -25.10
C THR G 95 -22.12 -12.07 -24.76
N VAL G 96 -22.66 -12.52 -23.59
CA VAL G 96 -22.65 -13.91 -23.22
C VAL G 96 -24.02 -14.37 -22.73
N VAL G 97 -24.42 -15.58 -23.12
CA VAL G 97 -25.60 -16.24 -22.60
C VAL G 97 -25.12 -17.53 -21.86
N LEU G 98 -25.68 -17.82 -20.69
CA LEU G 98 -25.28 -18.97 -19.89
C LEU G 98 -26.45 -19.92 -19.64
N ILE G 99 -26.19 -21.22 -19.62
CA ILE G 99 -27.17 -22.26 -19.26
C ILE G 99 -26.55 -22.95 -18.05
N THR G 100 -27.19 -22.87 -16.87
CA THR G 100 -26.61 -23.47 -15.67
C THR G 100 -27.53 -24.52 -15.01
N CYS G 101 -26.99 -25.69 -14.64
CA CYS G 101 -27.81 -26.70 -13.96
C CYS G 101 -27.42 -26.79 -12.50
N THR G 102 -28.39 -26.95 -11.58
CA THR G 102 -28.10 -26.92 -10.15
C THR G 102 -28.75 -28.06 -9.40
N TYR G 103 -27.99 -28.79 -8.55
CA TYR G 103 -28.54 -29.91 -7.77
C TYR G 103 -28.40 -29.65 -6.29
N ARG G 104 -29.53 -29.63 -5.56
CA ARG G 104 -29.58 -29.34 -4.13
C ARG G 104 -28.95 -27.99 -3.79
N GLY G 105 -29.27 -27.00 -4.60
CA GLY G 105 -28.78 -25.66 -4.37
C GLY G 105 -27.34 -25.39 -4.76
N GLN G 106 -26.72 -26.33 -5.45
CA GLN G 106 -25.34 -26.16 -5.88
C GLN G 106 -25.22 -26.28 -7.38
N GLU G 107 -24.70 -25.25 -8.04
CA GLU G 107 -24.51 -25.28 -9.49
C GLU G 107 -23.36 -26.23 -9.82
N PHE G 108 -23.58 -27.19 -10.72
CA PHE G 108 -22.52 -28.13 -11.08
C PHE G 108 -22.03 -27.99 -12.51
N ILE G 109 -22.75 -27.27 -13.39
CA ILE G 109 -22.34 -27.10 -14.78
C ILE G 109 -22.84 -25.78 -15.31
N ARG G 110 -22.01 -25.12 -16.12
CA ARG G 110 -22.35 -23.82 -16.70
C ARG G 110 -21.87 -23.82 -18.14
N VAL G 111 -22.81 -23.73 -19.10
CA VAL G 111 -22.47 -23.70 -20.51
C VAL G 111 -22.64 -22.30 -21.02
N GLY G 112 -21.54 -21.66 -21.38
CA GLY G 112 -21.55 -20.30 -21.88
C GLY G 112 -21.39 -20.22 -23.37
N TYR G 113 -22.07 -19.26 -23.99
CA TYR G 113 -22.02 -19.03 -25.42
C TYR G 113 -21.83 -17.54 -25.69
N TYR G 114 -20.95 -17.19 -26.65
CA TYR G 114 -20.83 -15.80 -27.06
C TYR G 114 -22.04 -15.53 -27.94
N VAL G 115 -22.66 -14.36 -27.77
CA VAL G 115 -23.84 -13.97 -28.52
C VAL G 115 -23.50 -12.69 -29.24
N ASN G 116 -23.59 -12.68 -30.56
CA ASN G 116 -23.28 -11.48 -31.31
C ASN G 116 -24.55 -10.80 -31.83
N ASN G 117 -24.92 -9.65 -31.24
CA ASN G 117 -26.09 -8.89 -31.66
C ASN G 117 -25.65 -7.82 -32.69
N GLU G 118 -26.13 -7.93 -33.95
CA GLU G 118 -25.73 -7.04 -35.04
C GLU G 118 -26.88 -6.63 -35.91
N TYR G 119 -26.79 -5.45 -36.54
CA TYR G 119 -27.83 -5.04 -37.49
C TYR G 119 -27.62 -5.83 -38.78
N THR G 120 -28.70 -6.08 -39.51
CA THR G 120 -28.64 -6.83 -40.76
C THR G 120 -28.66 -5.91 -41.98
N GLU G 121 -29.28 -4.72 -41.87
CA GLU G 121 -29.37 -3.76 -42.96
C GLU G 121 -28.04 -3.01 -43.12
N THR G 122 -27.58 -2.85 -44.35
CA THR G 122 -26.36 -2.14 -44.70
C THR G 122 -26.32 -0.69 -44.18
N GLU G 123 -27.39 0.11 -44.33
CA GLU G 123 -27.38 1.52 -43.86
C GLU G 123 -27.33 1.64 -42.34
N LEU G 124 -27.80 0.61 -41.61
CA LEU G 124 -27.75 0.56 -40.16
C LEU G 124 -26.35 0.14 -39.75
N ARG G 125 -25.77 -0.84 -40.44
CA ARG G 125 -24.43 -1.30 -40.14
C ARG G 125 -23.39 -0.19 -40.39
N GLU G 126 -23.64 0.70 -41.38
CA GLU G 126 -22.72 1.79 -41.66
C GLU G 126 -23.04 3.04 -40.84
N ASN G 127 -24.33 3.30 -40.60
CA ASN G 127 -24.75 4.44 -39.80
C ASN G 127 -25.70 3.97 -38.69
N PRO G 128 -25.17 3.41 -37.61
CA PRO G 128 -26.06 2.89 -36.55
C PRO G 128 -26.70 3.98 -35.73
N PRO G 129 -27.93 3.74 -35.23
CA PRO G 129 -28.58 4.78 -34.41
C PRO G 129 -27.94 4.95 -33.04
N VAL G 130 -28.06 6.16 -32.49
CA VAL G 130 -27.54 6.53 -31.17
C VAL G 130 -28.20 5.62 -30.10
N LYS G 131 -29.53 5.43 -30.24
CA LYS G 131 -30.28 4.55 -29.38
C LYS G 131 -30.43 3.26 -30.17
N PRO G 132 -29.99 2.12 -29.62
CA PRO G 132 -30.13 0.87 -30.37
C PRO G 132 -31.58 0.47 -30.68
N ASP G 133 -31.83 0.06 -31.94
CA ASP G 133 -33.13 -0.40 -32.38
C ASP G 133 -33.14 -1.90 -32.25
N PHE G 134 -33.68 -2.40 -31.15
CA PHE G 134 -33.71 -3.84 -30.88
C PHE G 134 -34.61 -4.61 -31.84
N SER G 135 -35.60 -3.95 -32.45
CA SER G 135 -36.45 -4.60 -33.43
C SER G 135 -35.72 -4.83 -34.79
N LYS G 136 -34.52 -4.23 -34.97
CA LYS G 136 -33.73 -4.40 -36.19
C LYS G 136 -32.40 -5.17 -35.96
N LEU G 137 -32.18 -5.67 -34.72
CA LEU G 137 -31.01 -6.39 -34.31
C LEU G 137 -31.19 -7.90 -34.45
N GLN G 138 -30.16 -8.58 -34.94
CA GLN G 138 -30.19 -10.02 -35.10
C GLN G 138 -29.26 -10.63 -34.10
N ARG G 139 -29.79 -11.56 -33.32
CA ARG G 139 -29.03 -12.28 -32.32
C ARG G 139 -28.43 -13.52 -32.94
N ASN G 140 -27.09 -13.64 -32.86
CA ASN G 140 -26.40 -14.80 -33.41
C ASN G 140 -25.56 -15.47 -32.32
N ILE G 141 -26.06 -16.56 -31.72
CA ILE G 141 -25.32 -17.33 -30.72
C ILE G 141 -24.24 -18.13 -31.43
N LEU G 142 -22.99 -18.02 -30.99
CA LEU G 142 -21.87 -18.70 -31.64
C LEU G 142 -21.78 -20.12 -31.08
N ALA G 143 -22.78 -20.91 -31.49
CA ALA G 143 -23.07 -22.27 -31.08
C ALA G 143 -21.96 -23.27 -31.31
N SER G 144 -21.13 -23.03 -32.33
CA SER G 144 -20.04 -23.96 -32.62
C SER G 144 -18.88 -23.87 -31.61
N ASN G 145 -18.98 -22.97 -30.61
CA ASN G 145 -17.91 -22.80 -29.65
C ASN G 145 -18.40 -22.52 -28.23
N PRO G 146 -19.03 -23.50 -27.57
CA PRO G 146 -19.46 -23.28 -26.18
C PRO G 146 -18.32 -23.44 -25.18
N ARG G 147 -18.47 -22.84 -23.99
CA ARG G 147 -17.49 -22.95 -22.94
C ARG G 147 -18.17 -23.68 -21.79
N VAL G 148 -17.76 -24.93 -21.55
CA VAL G 148 -18.36 -25.72 -20.49
C VAL G 148 -17.49 -25.67 -19.25
N THR G 149 -18.10 -25.40 -18.10
CA THR G 149 -17.37 -25.34 -16.84
C THR G 149 -18.10 -26.18 -15.82
N ARG G 150 -17.42 -27.16 -15.25
CA ARG G 150 -18.00 -28.02 -14.26
C ARG G 150 -17.51 -27.62 -12.87
N PHE G 151 -18.35 -27.82 -11.86
CA PHE G 151 -18.01 -27.47 -10.49
C PHE G 151 -18.11 -28.67 -9.59
N HIS G 152 -17.22 -28.75 -8.59
CA HIS G 152 -17.28 -29.83 -7.64
C HIS G 152 -18.36 -29.53 -6.63
N ILE G 153 -19.40 -30.36 -6.61
CA ILE G 153 -20.52 -30.21 -5.68
C ILE G 153 -20.69 -31.46 -4.80
N ASN G 154 -21.45 -31.32 -3.72
CA ASN G 154 -21.73 -32.44 -2.84
C ASN G 154 -22.91 -33.25 -3.37
N TRP G 155 -22.64 -34.43 -3.92
CA TRP G 155 -23.70 -35.30 -4.41
C TRP G 155 -23.88 -36.42 -3.36
N GLU G 156 -24.47 -36.09 -2.19
CA GLU G 156 -24.69 -37.05 -1.09
C GLU G 156 -23.35 -37.62 -0.53
N MET H 3 -6.45 33.53 -29.93
CA MET H 3 -6.86 32.93 -31.19
C MET H 3 -5.73 32.04 -31.79
N ALA H 4 -6.10 30.76 -32.21
CA ALA H 4 -5.28 29.67 -32.80
C ALA H 4 -4.95 29.93 -34.24
N LYS H 5 -3.71 29.64 -34.65
CA LYS H 5 -3.20 29.91 -36.01
C LYS H 5 -3.64 28.91 -37.06
N VAL H 6 -4.00 27.68 -36.64
CA VAL H 6 -4.40 26.64 -37.59
C VAL H 6 -5.81 26.15 -37.31
N GLN H 7 -6.61 25.98 -38.35
CA GLN H 7 -7.96 25.47 -38.20
C GLN H 7 -8.16 24.38 -39.23
N VAL H 8 -8.60 23.19 -38.80
CA VAL H 8 -8.84 22.11 -39.75
C VAL H 8 -10.28 22.23 -40.22
N ASN H 9 -10.45 22.50 -41.50
CA ASN H 9 -11.76 22.69 -42.08
C ASN H 9 -12.50 21.39 -42.40
N ASN H 10 -11.80 20.45 -43.04
CA ASN H 10 -12.42 19.21 -43.47
C ASN H 10 -11.42 18.05 -43.56
N VAL H 11 -11.90 16.82 -43.40
CA VAL H 11 -11.14 15.57 -43.54
C VAL H 11 -12.06 14.67 -44.34
N VAL H 12 -11.61 14.22 -45.51
CA VAL H 12 -12.41 13.34 -46.36
C VAL H 12 -11.78 11.95 -46.36
N VAL H 13 -12.54 10.92 -45.99
CA VAL H 13 -12.03 9.55 -45.97
C VAL H 13 -12.10 8.97 -47.39
N LEU H 14 -10.93 8.73 -47.99
CA LEU H 14 -10.85 8.20 -49.35
C LEU H 14 -10.69 6.68 -49.37
N ASP H 15 -11.08 6.03 -50.49
CA ASP H 15 -11.03 4.57 -50.69
C ASP H 15 -11.70 3.86 -49.52
N ASN H 16 -13.03 3.97 -49.42
CA ASN H 16 -13.73 3.42 -48.26
C ASN H 16 -15.13 2.92 -48.61
N PRO H 17 -15.52 1.69 -48.18
CA PRO H 17 -14.70 0.68 -47.49
C PRO H 17 -13.66 0.07 -48.41
N SER H 18 -12.72 -0.68 -47.82
CA SER H 18 -11.62 -1.26 -48.58
C SER H 18 -11.10 -2.51 -47.89
N PRO H 19 -10.32 -3.39 -48.57
CA PRO H 19 -9.72 -4.53 -47.86
C PRO H 19 -8.90 -4.02 -46.67
N PHE H 20 -8.84 -4.80 -45.58
CA PHE H 20 -8.08 -4.45 -44.38
C PHE H 20 -6.66 -3.94 -44.68
N TYR H 21 -5.99 -4.61 -45.59
CA TYR H 21 -4.61 -4.36 -45.95
C TYR H 21 -4.36 -3.09 -46.79
N ASN H 22 -5.43 -2.42 -47.29
CA ASN H 22 -5.25 -1.19 -48.07
C ASN H 22 -4.77 -0.06 -47.17
N PRO H 23 -3.85 0.82 -47.64
CA PRO H 23 -3.44 1.96 -46.80
C PRO H 23 -4.58 2.94 -46.57
N PHE H 24 -4.53 3.67 -45.46
CA PHE H 24 -5.51 4.68 -45.11
C PHE H 24 -5.24 5.92 -45.96
N GLN H 25 -6.30 6.59 -46.42
CA GLN H 25 -6.16 7.79 -47.23
C GLN H 25 -7.12 8.82 -46.72
N PHE H 26 -6.61 9.98 -46.31
CA PHE H 26 -7.46 11.05 -45.82
C PHE H 26 -7.10 12.34 -46.52
N GLU H 27 -8.06 12.99 -47.18
CA GLU H 27 -7.81 14.29 -47.82
C GLU H 27 -8.11 15.37 -46.76
N ILE H 28 -7.06 16.02 -46.27
CA ILE H 28 -7.17 17.03 -45.23
C ILE H 28 -7.15 18.44 -45.81
N THR H 29 -8.13 19.29 -45.41
CA THR H 29 -8.25 20.70 -45.80
C THR H 29 -8.11 21.55 -44.53
N PHE H 30 -7.11 22.42 -44.46
CA PHE H 30 -6.92 23.26 -43.28
C PHE H 30 -6.56 24.70 -43.63
N GLU H 31 -6.87 25.63 -42.75
CA GLU H 31 -6.58 27.03 -42.94
C GLU H 31 -5.49 27.53 -42.00
N CYS H 32 -4.71 28.48 -42.49
CA CYS H 32 -3.63 29.11 -41.74
C CYS H 32 -3.88 30.64 -41.60
N ILE H 33 -4.18 31.11 -40.38
CA ILE H 33 -4.44 32.52 -40.14
C ILE H 33 -3.17 33.34 -40.36
N GLU H 34 -2.06 32.87 -39.79
CA GLU H 34 -0.75 33.51 -39.83
C GLU H 34 0.31 32.55 -40.43
N ASP H 35 1.45 33.09 -40.89
CA ASP H 35 2.57 32.29 -41.36
C ASP H 35 3.15 31.56 -40.14
N LEU H 36 3.45 30.26 -40.30
CA LEU H 36 4.01 29.47 -39.21
C LEU H 36 5.51 29.40 -39.26
N SER H 37 6.14 29.73 -38.12
CA SER H 37 7.60 29.70 -37.95
C SER H 37 8.11 28.25 -37.88
N GLU H 38 7.35 27.38 -37.23
CA GLU H 38 7.70 25.98 -37.12
C GLU H 38 6.87 25.09 -38.07
N ASP H 39 6.93 23.77 -37.86
CA ASP H 39 6.23 22.78 -38.67
C ASP H 39 5.00 22.21 -37.95
N LEU H 40 4.01 21.73 -38.74
CA LEU H 40 2.80 21.05 -38.28
C LEU H 40 3.06 19.55 -38.38
N GLU H 41 3.03 18.79 -37.27
CA GLU H 41 3.27 17.36 -37.30
C GLU H 41 1.97 16.58 -37.29
N TRP H 42 1.64 15.97 -38.43
CA TRP H 42 0.42 15.19 -38.59
C TRP H 42 0.68 13.69 -38.26
N LYS H 43 -0.28 13.02 -37.62
CA LYS H 43 -0.15 11.61 -37.28
C LYS H 43 -1.43 10.83 -37.53
N ILE H 44 -1.31 9.55 -37.94
CA ILE H 44 -2.44 8.65 -38.08
C ILE H 44 -2.17 7.52 -37.08
N ILE H 45 -3.04 7.36 -36.08
CA ILE H 45 -2.85 6.32 -35.07
C ILE H 45 -4.01 5.32 -35.13
N TYR H 46 -3.72 4.04 -35.03
CA TYR H 46 -4.72 2.99 -35.08
C TYR H 46 -4.84 2.37 -33.72
N VAL H 47 -6.02 2.43 -33.11
CA VAL H 47 -6.20 1.83 -31.79
C VAL H 47 -6.49 0.36 -31.99
N GLY H 48 -5.43 -0.46 -31.94
CA GLY H 48 -5.47 -1.91 -32.16
C GLY H 48 -6.22 -2.69 -31.10
N SER H 49 -6.07 -2.26 -29.86
CA SER H 49 -6.77 -2.91 -28.76
C SER H 49 -7.43 -1.84 -27.95
N ALA H 50 -8.74 -1.99 -27.74
CA ALA H 50 -9.49 -1.06 -26.90
C ALA H 50 -9.06 -1.25 -25.43
N GLU H 51 -8.80 -2.52 -25.02
CA GLU H 51 -8.33 -2.91 -23.70
C GLU H 51 -7.07 -2.09 -23.29
N SER H 52 -6.08 -1.99 -24.20
CA SER H 52 -4.85 -1.29 -23.85
C SER H 52 -4.31 -0.30 -24.89
N GLU H 53 -3.66 0.77 -24.40
CA GLU H 53 -2.99 1.79 -25.21
C GLU H 53 -1.65 1.26 -25.78
N GLU H 54 -1.11 0.13 -25.26
CA GLU H 54 0.15 -0.41 -25.77
C GLU H 54 0.02 -1.00 -27.17
N TYR H 55 -1.22 -1.33 -27.61
CA TYR H 55 -1.43 -1.84 -28.96
C TYR H 55 -1.85 -0.77 -29.97
N ASP H 56 -1.64 0.52 -29.64
CA ASP H 56 -1.91 1.59 -30.59
C ASP H 56 -0.73 1.65 -31.53
N GLN H 57 -1.02 1.74 -32.82
CA GLN H 57 0.02 1.79 -33.83
C GLN H 57 0.04 3.13 -34.53
N VAL H 58 1.16 3.87 -34.46
CA VAL H 58 1.29 5.11 -35.20
C VAL H 58 1.63 4.69 -36.63
N LEU H 59 0.61 4.66 -37.52
CA LEU H 59 0.76 4.21 -38.89
C LEU H 59 1.66 5.11 -39.72
N ASP H 60 1.72 6.41 -39.41
CA ASP H 60 2.59 7.38 -40.05
C ASP H 60 2.62 8.72 -39.32
N SER H 61 3.76 9.41 -39.41
CA SER H 61 3.97 10.71 -38.82
C SER H 61 4.61 11.58 -39.92
N VAL H 62 3.95 12.67 -40.29
CA VAL H 62 4.40 13.55 -41.36
C VAL H 62 4.69 14.96 -40.84
N LEU H 63 5.77 15.59 -41.32
CA LEU H 63 6.08 16.98 -41.00
C LEU H 63 5.69 17.87 -42.17
N VAL H 64 4.84 18.86 -41.94
CA VAL H 64 4.38 19.77 -42.99
C VAL H 64 4.87 21.16 -42.63
N GLY H 65 5.80 21.67 -43.42
CA GLY H 65 6.34 22.99 -43.17
C GLY H 65 7.38 23.47 -44.15
N PRO H 66 7.60 24.80 -44.23
CA PRO H 66 6.92 25.89 -43.49
C PRO H 66 5.51 26.11 -44.02
N VAL H 67 4.61 26.60 -43.15
CA VAL H 67 3.22 26.82 -43.56
C VAL H 67 2.89 28.30 -43.74
N PRO H 68 2.67 28.74 -44.98
CA PRO H 68 2.27 30.14 -45.18
C PRO H 68 0.78 30.34 -44.85
N ALA H 69 0.36 31.56 -44.54
CA ALA H 69 -1.04 31.85 -44.27
C ALA H 69 -1.90 31.55 -45.51
N GLY H 70 -3.07 30.96 -45.31
CA GLY H 70 -3.96 30.59 -46.40
C GLY H 70 -4.52 29.20 -46.27
N ARG H 71 -5.34 28.78 -47.26
CA ARG H 71 -5.92 27.45 -47.22
C ARG H 71 -5.03 26.43 -47.91
N HIS H 72 -4.84 25.28 -47.28
CA HIS H 72 -4.00 24.20 -47.79
C HIS H 72 -4.76 22.88 -47.81
N MET H 73 -4.36 22.00 -48.71
CA MET H 73 -5.01 20.71 -48.85
C MET H 73 -3.99 19.64 -49.20
N PHE H 74 -4.11 18.45 -48.60
CA PHE H 74 -3.19 17.35 -48.86
C PHE H 74 -3.82 16.00 -48.54
N VAL H 75 -3.29 14.93 -49.13
CA VAL H 75 -3.77 13.60 -48.84
C VAL H 75 -2.77 12.90 -47.94
N PHE H 76 -3.18 12.67 -46.70
CA PHE H 76 -2.38 11.96 -45.72
C PHE H 76 -2.66 10.47 -45.92
N GLN H 77 -1.63 9.74 -46.37
CA GLN H 77 -1.73 8.31 -46.60
C GLN H 77 -0.81 7.57 -45.62
N ALA H 78 -1.29 6.45 -45.04
CA ALA H 78 -0.49 5.66 -44.11
C ALA H 78 -0.78 4.16 -44.29
N ASP H 79 0.24 3.30 -44.27
CA ASP H 79 0.03 1.85 -44.44
C ASP H 79 -0.90 1.24 -43.39
N ALA H 80 -1.63 0.17 -43.77
CA ALA H 80 -2.54 -0.54 -42.86
C ALA H 80 -1.82 -1.02 -41.59
N PRO H 81 -2.53 -1.19 -40.46
CA PRO H 81 -1.84 -1.66 -39.25
C PRO H 81 -1.32 -3.10 -39.37
N ASN H 82 -0.30 -3.41 -38.60
CA ASN H 82 0.30 -4.74 -38.59
C ASN H 82 -0.62 -5.70 -37.87
N PRO H 83 -1.19 -6.69 -38.56
CA PRO H 83 -2.07 -7.66 -37.88
C PRO H 83 -1.36 -8.44 -36.77
N GLY H 84 -0.04 -8.60 -36.91
CA GLY H 84 0.78 -9.28 -35.93
C GLY H 84 0.73 -8.63 -34.55
N LEU H 85 0.35 -7.34 -34.47
CA LEU H 85 0.23 -6.60 -33.22
C LEU H 85 -1.22 -6.38 -32.76
N ILE H 86 -2.21 -6.96 -33.48
CA ILE H 86 -3.62 -6.81 -33.15
C ILE H 86 -4.09 -8.02 -32.40
N PRO H 87 -4.48 -7.89 -31.11
CA PRO H 87 -4.96 -9.06 -30.35
C PRO H 87 -6.18 -9.67 -31.02
N ASP H 88 -6.25 -11.01 -31.14
CA ASP H 88 -7.34 -11.71 -31.83
C ASP H 88 -8.73 -11.22 -31.45
N ALA H 89 -8.97 -11.01 -30.14
CA ALA H 89 -10.26 -10.57 -29.63
C ALA H 89 -10.68 -9.21 -30.17
N ASP H 90 -9.70 -8.34 -30.47
CA ASP H 90 -9.96 -6.99 -30.98
C ASP H 90 -9.85 -6.86 -32.50
N ALA H 91 -9.65 -7.95 -33.23
CA ALA H 91 -9.49 -7.90 -34.68
C ALA H 91 -10.81 -7.65 -35.45
N VAL H 92 -11.87 -8.41 -35.13
CA VAL H 92 -13.14 -8.27 -35.83
C VAL H 92 -14.11 -7.49 -35.01
N GLY H 93 -14.60 -6.40 -35.59
CA GLY H 93 -15.54 -5.50 -34.96
C GLY H 93 -15.11 -4.06 -35.05
N VAL H 94 -15.72 -3.22 -34.22
CA VAL H 94 -15.47 -1.80 -34.20
C VAL H 94 -14.27 -1.41 -33.37
N THR H 95 -13.35 -0.67 -33.98
CA THR H 95 -12.18 -0.11 -33.36
C THR H 95 -12.10 1.42 -33.71
N VAL H 96 -10.96 2.11 -33.46
CA VAL H 96 -10.85 3.53 -33.74
C VAL H 96 -9.58 3.87 -34.52
N VAL H 97 -9.68 4.80 -35.46
CA VAL H 97 -8.55 5.39 -36.15
C VAL H 97 -8.53 6.92 -35.82
N LEU H 98 -7.35 7.48 -35.54
CA LEU H 98 -7.22 8.87 -35.16
C LEU H 98 -6.29 9.62 -36.11
N ILE H 99 -6.59 10.91 -36.40
CA ILE H 99 -5.74 11.80 -37.17
C ILE H 99 -5.45 12.94 -36.21
N THR H 100 -4.19 13.13 -35.79
CA THR H 100 -3.88 14.16 -34.79
C THR H 100 -2.78 15.15 -35.23
N CYS H 101 -3.10 16.47 -35.30
CA CYS H 101 -2.10 17.46 -35.65
C CYS H 101 -1.45 18.10 -34.44
N THR H 102 -0.16 18.31 -34.55
CA THR H 102 0.64 18.88 -33.48
C THR H 102 1.38 20.14 -33.96
N TYR H 103 1.64 21.08 -33.04
CA TYR H 103 2.45 22.26 -33.33
C TYR H 103 3.36 22.52 -32.13
N ARG H 104 4.68 22.47 -32.34
CA ARG H 104 5.69 22.67 -31.30
C ARG H 104 5.52 21.70 -30.14
N GLY H 105 5.25 20.45 -30.48
CA GLY H 105 5.09 19.38 -29.50
C GLY H 105 3.79 19.39 -28.72
N GLN H 106 2.82 20.16 -29.19
CA GLN H 106 1.53 20.24 -28.53
C GLN H 106 0.44 19.89 -29.52
N GLU H 107 -0.31 18.82 -29.22
CA GLU H 107 -1.41 18.41 -30.09
C GLU H 107 -2.57 19.40 -29.94
N PHE H 108 -3.08 19.93 -31.05
CA PHE H 108 -4.18 20.90 -30.98
C PHE H 108 -5.50 20.40 -31.56
N ILE H 109 -5.49 19.29 -32.28
CA ILE H 109 -6.69 18.74 -32.89
C ILE H 109 -6.56 17.23 -32.96
N ARG H 110 -7.68 16.52 -32.86
CA ARG H 110 -7.69 15.07 -32.96
C ARG H 110 -9.01 14.65 -33.61
N VAL H 111 -8.96 14.03 -34.79
CA VAL H 111 -10.17 13.59 -35.47
C VAL H 111 -10.25 12.09 -35.38
N GLY H 112 -11.22 11.59 -34.64
CA GLY H 112 -11.40 10.16 -34.46
C GLY H 112 -12.52 9.60 -35.29
N TYR H 113 -12.35 8.37 -35.78
CA TYR H 113 -13.34 7.68 -36.60
C TYR H 113 -13.51 6.25 -36.10
N TYR H 114 -14.75 5.77 -36.02
CA TYR H 114 -14.99 4.38 -35.68
C TYR H 114 -14.70 3.59 -36.96
N VAL H 115 -14.02 2.46 -36.83
CA VAL H 115 -13.65 1.64 -37.96
C VAL H 115 -14.24 0.28 -37.74
N ASN H 116 -15.09 -0.18 -38.65
CA ASN H 116 -15.71 -1.49 -38.48
C ASN H 116 -15.06 -2.53 -39.40
N ASN H 117 -14.34 -3.49 -38.81
CA ASN H 117 -13.70 -4.55 -39.59
C ASN H 117 -14.61 -5.77 -39.55
N GLU H 118 -15.07 -6.17 -40.72
CA GLU H 118 -16.04 -7.24 -40.83
C GLU H 118 -15.73 -8.15 -41.99
N TYR H 119 -16.15 -9.41 -41.87
CA TYR H 119 -16.00 -10.35 -42.98
C TYR H 119 -17.09 -9.97 -44.02
N THR H 120 -16.82 -10.24 -45.29
CA THR H 120 -17.77 -9.93 -46.35
C THR H 120 -18.63 -11.13 -46.72
N GLU H 121 -18.11 -12.35 -46.55
CA GLU H 121 -18.82 -13.61 -46.82
C GLU H 121 -19.81 -13.92 -45.69
N THR H 122 -21.07 -14.22 -46.02
CA THR H 122 -22.09 -14.53 -45.02
C THR H 122 -21.73 -15.68 -44.06
N GLU H 123 -21.06 -16.71 -44.60
CA GLU H 123 -20.59 -17.89 -43.88
C GLU H 123 -19.64 -17.50 -42.74
N LEU H 124 -18.68 -16.60 -43.02
CA LEU H 124 -17.74 -16.14 -42.02
C LEU H 124 -18.39 -15.15 -41.06
N ARG H 125 -19.33 -14.34 -41.55
CA ARG H 125 -20.04 -13.36 -40.71
C ARG H 125 -20.83 -14.11 -39.64
N GLU H 126 -21.49 -15.22 -40.01
CA GLU H 126 -22.30 -15.98 -39.06
C GLU H 126 -21.46 -16.87 -38.19
N ASN H 127 -20.42 -17.50 -38.79
CA ASN H 127 -19.55 -18.42 -38.05
C ASN H 127 -18.09 -18.01 -38.23
N PRO H 128 -17.64 -16.97 -37.50
CA PRO H 128 -16.26 -16.50 -37.66
C PRO H 128 -15.20 -17.45 -37.11
N PRO H 129 -14.00 -17.46 -37.74
CA PRO H 129 -12.94 -18.34 -37.25
C PRO H 129 -12.36 -17.87 -35.93
N VAL H 130 -11.83 -18.81 -35.12
CA VAL H 130 -11.22 -18.48 -33.83
C VAL H 130 -9.99 -17.58 -34.04
N LYS H 131 -9.21 -17.86 -35.09
CA LYS H 131 -8.09 -17.00 -35.47
C LYS H 131 -8.60 -16.14 -36.62
N PRO H 132 -8.57 -14.80 -36.46
CA PRO H 132 -9.06 -13.93 -37.52
C PRO H 132 -8.28 -13.99 -38.83
N ASP H 133 -9.04 -14.06 -39.95
CA ASP H 133 -8.44 -14.05 -41.27
C ASP H 133 -8.45 -12.63 -41.80
N PHE H 134 -7.33 -11.92 -41.67
CA PHE H 134 -7.22 -10.52 -42.11
C PHE H 134 -7.32 -10.33 -43.63
N SER H 135 -6.99 -11.38 -44.39
CA SER H 135 -7.10 -11.33 -45.84
C SER H 135 -8.57 -11.47 -46.30
N LYS H 136 -9.50 -11.82 -45.39
CA LYS H 136 -10.92 -11.89 -45.73
C LYS H 136 -11.74 -10.77 -45.03
N LEU H 137 -11.06 -9.81 -44.36
CA LEU H 137 -11.68 -8.71 -43.64
C LEU H 137 -11.76 -7.47 -44.49
N GLN H 138 -12.83 -6.71 -44.28
CA GLN H 138 -13.04 -5.46 -44.96
C GLN H 138 -13.11 -4.37 -43.92
N ARG H 139 -12.30 -3.34 -44.10
CA ARG H 139 -12.24 -2.19 -43.22
C ARG H 139 -13.24 -1.15 -43.70
N ASN H 140 -14.19 -0.78 -42.84
CA ASN H 140 -15.16 0.24 -43.18
C ASN H 140 -15.11 1.38 -42.16
N ILE H 141 -14.40 2.47 -42.51
CA ILE H 141 -14.31 3.64 -41.64
C ILE H 141 -15.66 4.36 -41.67
N LEU H 142 -16.24 4.60 -40.49
CA LEU H 142 -17.54 5.25 -40.41
C LEU H 142 -17.33 6.76 -40.52
N ALA H 143 -17.06 7.20 -41.75
CA ALA H 143 -16.73 8.55 -42.17
C ALA H 143 -17.82 9.59 -41.95
N SER H 144 -19.08 9.15 -41.96
CA SER H 144 -20.23 10.02 -41.75
C SER H 144 -20.34 10.53 -40.29
N ASN H 145 -19.48 10.08 -39.37
CA ASN H 145 -19.58 10.50 -37.99
C ASN H 145 -18.24 10.65 -37.30
N PRO H 146 -17.43 11.65 -37.68
CA PRO H 146 -16.14 11.83 -36.99
C PRO H 146 -16.30 12.51 -35.62
N ARG H 147 -15.33 12.34 -34.73
CA ARG H 147 -15.34 13.01 -33.44
C ARG H 147 -14.15 13.94 -33.42
N VAL H 148 -14.42 15.23 -33.47
CA VAL H 148 -13.36 16.23 -33.48
C VAL H 148 -13.14 16.77 -32.09
N THR H 149 -11.87 16.83 -31.66
CA THR H 149 -11.56 17.35 -30.33
C THR H 149 -10.45 18.35 -30.49
N ARG H 150 -10.67 19.58 -30.02
CA ARG H 150 -9.66 20.62 -30.07
C ARG H 150 -9.03 20.82 -28.70
N PHE H 151 -7.76 21.20 -28.67
CA PHE H 151 -7.04 21.41 -27.43
C PHE H 151 -6.45 22.79 -27.38
N HIS H 152 -6.41 23.39 -26.19
CA HIS H 152 -5.85 24.73 -26.05
C HIS H 152 -4.36 24.62 -25.99
N ILE H 153 -3.66 25.15 -26.99
CA ILE H 153 -2.20 25.09 -27.01
C ILE H 153 -1.56 26.50 -27.07
N ASN H 154 -0.27 26.60 -26.80
CA ASN H 154 0.44 27.87 -26.84
C ASN H 154 0.94 28.17 -28.25
N TRP H 155 0.33 29.16 -28.90
CA TRP H 155 0.73 29.58 -30.24
C TRP H 155 1.43 30.95 -30.12
N GLU H 156 2.78 31.01 -30.14
CA GLU H 156 3.46 32.31 -30.09
C GLU H 156 3.35 32.98 -31.47
N ALA I 2 20.60 -26.29 -0.44
CA ALA I 2 19.49 -25.55 0.14
C ALA I 2 18.27 -25.52 -0.80
N ARG I 3 17.08 -25.84 -0.24
CA ARG I 3 15.77 -25.87 -0.91
C ARG I 3 15.37 -24.46 -1.34
N ARG I 4 14.62 -24.26 -2.44
CA ARG I 4 14.24 -22.89 -2.84
C ARG I 4 12.72 -22.63 -2.84
N ILE I 5 12.25 -21.76 -1.95
CA ILE I 5 10.85 -21.41 -1.89
C ILE I 5 10.49 -20.33 -2.95
N ALA J 2 1.75 27.68 -15.23
CA ALA J 2 2.80 28.53 -14.68
C ALA J 2 2.95 28.32 -13.16
N ARG J 3 1.80 28.28 -12.45
CA ARG J 3 1.73 28.09 -10.99
C ARG J 3 2.11 26.63 -10.63
N ARG J 4 2.85 26.41 -9.53
CA ARG J 4 3.21 25.03 -9.14
C ARG J 4 2.70 24.64 -7.75
N ILE J 5 1.82 23.64 -7.71
CA ILE J 5 1.28 23.15 -6.45
C ILE J 5 2.28 22.18 -5.75
N ALA K 2 42.08 -3.42 7.71
CA ALA K 2 42.52 -4.68 8.32
C ALA K 2 44.04 -4.82 8.62
N ARG K 3 44.47 -4.28 9.77
CA ARG K 3 45.86 -4.34 10.25
C ARG K 3 46.15 -5.75 10.85
N ARG K 4 47.42 -6.09 11.17
CA ARG K 4 47.75 -7.42 11.71
C ARG K 4 48.45 -7.36 13.07
N ILE K 5 47.84 -7.94 14.11
CA ILE K 5 48.45 -7.97 15.42
C ILE K 5 49.45 -9.16 15.54
N ALA L 2 -38.57 -21.52 -11.02
CA ALA L 2 -39.96 -21.12 -10.82
C ALA L 2 -40.91 -21.99 -11.67
N ARG L 3 -40.58 -22.20 -12.94
CA ARG L 3 -41.38 -23.02 -13.85
C ARG L 3 -41.00 -24.51 -13.70
N ARG L 4 -41.92 -25.48 -13.88
CA ARG L 4 -41.55 -26.90 -13.79
C ARG L 4 -41.84 -27.66 -15.09
N ILE L 5 -40.79 -28.20 -15.74
CA ILE L 5 -40.94 -28.96 -16.97
C ILE L 5 -41.35 -30.43 -16.68
#